data_6IUC
#
_entry.id   6IUC
#
_cell.length_a   74.418
_cell.length_b   74.628
_cell.length_c   80.351
_cell.angle_alpha   71.380
_cell.angle_beta   71.560
_cell.angle_gamma   67.830
#
_symmetry.space_group_name_H-M   'P 1'
#
loop_
_entity.id
_entity.type
_entity.pdbx_description
1 polymer 'SpoOJ regulator (Soj)'
2 polymer "DNA (5'-D(P*TP*CP*CP*CP*TP*GP*TP*TP*TP*CP*AP*CP*GP*TP*GP*GP*AP*AP*CP*AP*CP*CP*CP*T)-3')"
3 polymer "DNA (5'-D(P*AP*GP*GP*GP*TP*GP*TP*TP*CP*CP*AP*CP*GP*TP*GP*AP*AP*AP*CP*AP*GP*GP*GP*A)-3')"
4 non-polymer "ADENOSINE-5'-TRIPHOSPHATE"
5 non-polymer 'MAGNESIUM ION'
#
loop_
_entity_poly.entity_id
_entity_poly.type
_entity_poly.pdbx_seq_one_letter_code
_entity_poly.pdbx_strand_id
1 'polypeptide(L)'
;MRGSHHHHHHGSMMSEIIAVANQKGGVGKTTTAVNLAASLAVHEKKILLIDFDPQANATSSLGFRRDKIDYDIYHVLIGR
KQISQVILKTQMPFLDLVPSNLGLAGFEKTFYDSQDENKRGELMLKNALESVVGLYDYIIIDSPPALGPLTINSLSAAHS
VIIPIQCEFFALEGTKLLLNTIRMLQKSTNPKLKIRGFLPTMHVPQLNLTKGVLAELFKYFDSEFFRDSATGEYIMIPKS
VKLAESPSFGKPILLYDIKSNGSIAYQKLAQSILQG
;
A,B,C,D
2 'polydeoxyribonucleotide'
;(DT)(DC)(DC)(DC)(DT)(DG)(DT)(DT)(DT)(DC)(DA)(DC)(DG)(DT)(DG)(DG)(DA)(DA)(DC)(DA)
(DC)(DC)(DC)(DT)
;
E
3 'polydeoxyribonucleotide'
;(DA)(DG)(DG)(DG)(DT)(DG)(DT)(DT)(DC)(DC)(DA)(DC)(DG)(DT)(DG)(DA)(DA)(DA)(DC)(DA)
(DG)(DG)(DG)(DA)
;
F
#
loop_
_chem_comp.id
_chem_comp.type
_chem_comp.name
_chem_comp.formula
ATP non-polymer ADENOSINE-5'-TRIPHOSPHATE 'C10 H16 N5 O13 P3'
DA DNA linking 2'-DEOXYADENOSINE-5'-MONOPHOSPHATE 'C10 H14 N5 O6 P'
DC DNA linking 2'-DEOXYCYTIDINE-5'-MONOPHOSPHATE 'C9 H14 N3 O7 P'
DG DNA linking 2'-DEOXYGUANOSINE-5'-MONOPHOSPHATE 'C10 H14 N5 O7 P'
DT DNA linking THYMIDINE-5'-MONOPHOSPHATE 'C10 H15 N2 O8 P'
MG non-polymer 'MAGNESIUM ION' 'Mg 2'
#
# COMPACT_ATOMS: atom_id res chain seq x y z
N MET A 13 10.68 -37.70 30.08
CA MET A 13 11.57 -36.57 29.78
C MET A 13 13.04 -36.83 30.06
N MET A 14 13.79 -36.30 29.09
CA MET A 14 15.21 -35.96 29.18
C MET A 14 15.22 -34.62 28.47
N SER A 15 15.26 -33.54 29.25
CA SER A 15 15.26 -32.20 28.67
C SER A 15 16.36 -32.04 27.66
N GLU A 16 15.99 -31.73 26.42
CA GLU A 16 16.97 -31.21 25.49
C GLU A 16 17.21 -29.74 25.76
N ILE A 17 18.48 -29.40 25.88
CA ILE A 17 18.92 -28.04 26.08
C ILE A 17 19.48 -27.52 24.75
N ILE A 18 18.84 -26.48 24.23
CA ILE A 18 19.21 -25.85 22.97
C ILE A 18 19.55 -24.39 23.30
N ALA A 19 20.82 -24.01 23.10
CA ALA A 19 21.27 -22.64 23.36
C ALA A 19 21.22 -21.85 22.06
N VAL A 20 20.42 -20.78 22.03
CA VAL A 20 20.38 -19.89 20.89
C VAL A 20 21.49 -18.89 21.15
N ALA A 21 22.63 -19.08 20.48
CA ALA A 21 23.76 -18.18 20.64
C ALA A 21 24.39 -17.80 19.30
N ASN A 22 24.97 -16.61 19.28
CA ASN A 22 25.78 -16.07 18.18
C ASN A 22 26.28 -14.70 18.64
N GLN A 23 27.56 -14.42 18.45
CA GLN A 23 28.16 -13.22 19.04
C GLN A 23 27.77 -11.95 18.30
N LYS A 24 27.32 -12.06 17.06
CA LYS A 24 26.98 -10.84 16.36
C LYS A 24 25.66 -10.32 16.91
N GLY A 25 25.59 -9.01 17.09
CA GLY A 25 24.40 -8.41 17.62
C GLY A 25 23.38 -8.20 16.53
N GLY A 26 22.12 -8.22 16.95
CA GLY A 26 21.03 -7.94 16.07
C GLY A 26 20.81 -8.96 14.99
N VAL A 27 21.13 -10.24 15.22
CA VAL A 27 21.00 -11.30 14.21
C VAL A 27 19.83 -12.26 14.49
N GLY A 28 19.00 -12.02 15.49
CA GLY A 28 17.78 -12.78 15.69
C GLY A 28 17.83 -13.80 16.80
N LYS A 29 18.86 -13.78 17.64
CA LYS A 29 18.99 -14.77 18.72
C LYS A 29 17.80 -14.71 19.66
N THR A 30 17.42 -13.51 20.06
CA THR A 30 16.31 -13.30 20.98
C THR A 30 14.94 -13.47 20.30
N THR A 31 14.74 -12.97 19.07
CA THR A 31 13.48 -13.24 18.37
C THR A 31 13.35 -14.74 18.11
N THR A 32 14.45 -15.38 17.77
CA THR A 32 14.44 -16.83 17.53
C THR A 32 14.18 -17.63 18.79
N ALA A 33 14.81 -17.25 19.90
CA ALA A 33 14.65 -18.03 21.13
C ALA A 33 13.23 -17.94 21.63
N VAL A 34 12.76 -16.72 21.82
CA VAL A 34 11.40 -16.55 22.27
C VAL A 34 10.47 -17.34 21.36
N ASN A 35 10.60 -17.15 20.05
CA ASN A 35 9.59 -17.70 19.17
C ASN A 35 9.69 -19.20 18.98
N LEU A 36 10.86 -19.77 19.17
CA LEU A 36 10.93 -21.22 19.12
C LEU A 36 10.35 -21.81 20.39
N ALA A 37 10.62 -21.19 21.54
CA ALA A 37 9.95 -21.63 22.76
C ALA A 37 8.45 -21.65 22.57
N ALA A 38 7.89 -20.59 21.97
CA ALA A 38 6.44 -20.55 21.75
C ALA A 38 6.01 -21.64 20.79
N SER A 39 6.62 -21.70 19.61
CA SER A 39 6.16 -22.63 18.59
C SER A 39 6.39 -24.07 18.99
N LEU A 40 7.27 -24.31 19.95
CA LEU A 40 7.44 -25.63 20.52
C LEU A 40 6.49 -25.89 21.65
N ALA A 41 6.16 -24.86 22.44
CA ALA A 41 5.21 -25.01 23.54
C ALA A 41 3.85 -25.43 22.98
N VAL A 42 3.43 -24.82 21.88
CA VAL A 42 2.15 -25.19 21.28
C VAL A 42 2.09 -26.64 20.80
N HIS A 43 3.21 -27.32 20.59
CA HIS A 43 3.10 -28.76 20.36
C HIS A 43 2.91 -29.51 21.63
N GLU A 44 2.41 -28.79 22.64
CA GLU A 44 2.11 -29.35 23.93
C GLU A 44 3.36 -30.06 24.46
N LYS A 45 4.48 -29.35 24.37
CA LYS A 45 5.73 -29.78 24.97
C LYS A 45 6.17 -28.70 25.94
N LYS A 46 6.64 -29.14 27.11
CA LYS A 46 6.92 -28.27 28.24
C LYS A 46 8.25 -27.57 27.99
N ILE A 47 8.24 -26.25 27.92
CA ILE A 47 9.39 -25.48 27.50
C ILE A 47 9.80 -24.57 28.65
N LEU A 48 11.09 -24.58 28.98
CA LEU A 48 11.67 -23.62 29.91
C LEU A 48 12.61 -22.76 29.11
N LEU A 49 12.39 -21.45 29.14
CA LEU A 49 13.19 -20.49 28.38
C LEU A 49 14.02 -19.63 29.33
N ILE A 50 15.34 -19.73 29.24
CA ILE A 50 16.29 -18.92 30.01
C ILE A 50 16.60 -17.64 29.24
N ASP A 51 16.57 -16.49 29.92
CA ASP A 51 17.02 -15.24 29.33
C ASP A 51 18.43 -15.02 29.87
N PHE A 52 19.42 -15.37 29.06
CA PHE A 52 20.78 -15.27 29.52
C PHE A 52 21.45 -13.96 29.10
N ASP A 53 20.65 -12.95 28.81
CA ASP A 53 21.14 -11.64 28.36
C ASP A 53 20.86 -10.58 29.41
N PRO A 54 21.88 -9.83 29.89
CA PRO A 54 21.60 -8.73 30.83
C PRO A 54 20.72 -7.62 30.27
N GLN A 55 20.63 -7.44 28.95
CA GLN A 55 19.59 -6.53 28.50
C GLN A 55 18.21 -7.14 28.73
N ALA A 56 18.14 -8.47 28.83
CA ALA A 56 16.91 -9.20 29.10
C ALA A 56 15.78 -8.84 28.13
N ASN A 57 16.12 -8.77 26.83
CA ASN A 57 15.11 -8.43 25.84
C ASN A 57 14.14 -9.57 25.65
N ALA A 58 14.56 -10.81 25.91
CA ALA A 58 13.63 -11.93 25.82
C ALA A 58 12.53 -11.84 26.88
N THR A 59 12.92 -11.54 28.13
CA THR A 59 11.97 -11.27 29.21
C THR A 59 10.95 -10.22 28.80
N SER A 60 11.42 -9.05 28.36
CA SER A 60 10.57 -7.94 27.93
C SER A 60 9.73 -8.25 26.68
N SER A 61 10.19 -9.18 25.84
CA SER A 61 9.47 -9.72 24.70
C SER A 61 8.34 -10.63 25.13
N LEU A 62 8.40 -11.18 26.34
CA LEU A 62 7.27 -11.94 26.85
C LEU A 62 6.37 -11.12 27.75
N GLY A 63 6.43 -9.81 27.70
CA GLY A 63 5.45 -9.00 28.42
C GLY A 63 5.77 -8.67 29.85
N PHE A 64 6.86 -9.20 30.39
CA PHE A 64 7.35 -8.99 31.76
C PHE A 64 8.07 -7.63 31.94
N ARG A 65 8.20 -7.24 33.21
CA ARG A 65 8.92 -6.04 33.64
C ARG A 65 10.27 -6.35 34.26
N ARG A 66 11.35 -5.93 33.57
CA ARG A 66 12.62 -5.80 34.25
C ARG A 66 12.44 -5.01 35.54
N ASP A 67 11.45 -4.11 35.55
CA ASP A 67 11.13 -3.32 36.74
C ASP A 67 10.43 -4.15 37.79
N LYS A 68 9.66 -5.16 37.39
CA LYS A 68 8.90 -5.95 38.34
C LYS A 68 9.49 -7.32 38.60
N ILE A 69 10.77 -7.53 38.32
CA ILE A 69 11.38 -8.86 38.43
C ILE A 69 12.14 -8.95 39.75
N ASP A 70 11.73 -9.88 40.61
CA ASP A 70 12.29 -9.94 41.96
C ASP A 70 13.57 -10.76 41.93
N TYR A 71 13.45 -12.06 41.76
CA TYR A 71 14.61 -12.93 41.70
C TYR A 71 14.73 -13.50 40.29
N ASP A 72 15.96 -13.51 39.79
CA ASP A 72 16.22 -13.88 38.41
C ASP A 72 17.44 -14.80 38.35
N ILE A 73 17.85 -15.11 37.11
CA ILE A 73 18.82 -16.18 36.85
C ILE A 73 20.16 -15.86 37.49
N TYR A 74 20.46 -14.58 37.71
CA TYR A 74 21.71 -14.22 38.39
C TYR A 74 21.75 -14.85 39.77
N HIS A 75 20.73 -14.57 40.61
CA HIS A 75 20.70 -15.09 41.98
C HIS A 75 20.67 -16.61 42.00
N VAL A 76 20.11 -17.24 40.97
CA VAL A 76 20.20 -18.69 40.86
C VAL A 76 21.66 -19.09 40.69
N LEU A 77 22.36 -18.41 39.79
CA LEU A 77 23.73 -18.81 39.45
C LEU A 77 24.66 -18.72 40.66
N ILE A 78 24.51 -17.66 41.46
CA ILE A 78 25.27 -17.48 42.69
C ILE A 78 24.72 -18.35 43.82
N GLY A 79 23.72 -19.17 43.53
CA GLY A 79 23.25 -20.13 44.49
C GLY A 79 22.29 -19.61 45.50
N ARG A 80 22.11 -18.27 45.56
CA ARG A 80 21.14 -17.65 46.47
C ARG A 80 19.71 -18.12 46.23
N LYS A 81 19.42 -18.72 45.07
CA LYS A 81 18.07 -19.13 44.69
C LYS A 81 18.10 -20.45 43.93
N GLN A 82 16.96 -21.14 44.00
CA GLN A 82 16.66 -22.27 43.12
C GLN A 82 16.16 -21.81 41.77
N ILE A 83 16.55 -22.56 40.72
CA ILE A 83 16.02 -22.25 39.41
C ILE A 83 14.51 -22.33 39.44
N SER A 84 13.98 -23.30 40.20
CA SER A 84 12.55 -23.44 40.39
C SER A 84 11.97 -22.32 41.22
N GLN A 85 12.80 -21.57 41.96
CA GLN A 85 12.26 -20.44 42.69
C GLN A 85 11.91 -19.29 41.74
N VAL A 86 12.74 -19.09 40.71
CA VAL A 86 12.63 -17.91 39.84
C VAL A 86 11.74 -18.13 38.62
N ILE A 87 11.48 -19.37 38.22
CA ILE A 87 10.71 -19.62 37.01
C ILE A 87 9.40 -18.87 37.09
N LEU A 88 9.02 -18.25 36.01
CA LEU A 88 7.71 -17.65 35.88
C LEU A 88 6.90 -18.37 34.83
N LYS A 89 5.60 -18.17 34.91
CA LYS A 89 4.67 -18.68 33.94
C LYS A 89 4.29 -17.57 32.97
N THR A 90 3.98 -17.98 31.74
CA THR A 90 3.77 -17.02 30.67
C THR A 90 2.34 -17.15 30.21
N GLN A 91 1.96 -16.21 29.37
CA GLN A 91 0.67 -16.22 28.70
C GLN A 91 0.41 -17.51 27.94
N MET A 92 1.45 -18.28 27.65
CA MET A 92 1.25 -19.60 27.07
C MET A 92 1.45 -20.62 28.13
N PRO A 93 0.46 -21.50 28.33
CA PRO A 93 0.53 -22.36 29.51
C PRO A 93 1.69 -23.35 29.45
N PHE A 94 2.12 -23.78 28.25
CA PHE A 94 3.18 -24.79 28.15
C PHE A 94 4.60 -24.21 28.09
N LEU A 95 4.71 -22.89 28.07
CA LEU A 95 5.97 -22.18 28.07
C LEU A 95 6.16 -21.46 29.43
N ASP A 96 7.27 -21.74 30.12
CA ASP A 96 7.69 -21.04 31.33
C ASP A 96 9.03 -20.35 31.05
N LEU A 97 9.29 -19.25 31.77
CA LEU A 97 10.43 -18.36 31.56
C LEU A 97 11.24 -18.20 32.84
N VAL A 98 12.55 -18.44 32.75
CA VAL A 98 13.51 -17.97 33.76
C VAL A 98 14.03 -16.61 33.32
N PRO A 99 13.58 -15.52 33.94
CA PRO A 99 13.83 -14.19 33.41
C PRO A 99 15.26 -13.74 33.73
N SER A 100 15.61 -12.56 33.20
CA SER A 100 16.92 -11.97 33.40
C SER A 100 16.75 -10.53 33.85
N ASN A 101 17.88 -9.92 34.21
CA ASN A 101 17.90 -8.51 34.61
C ASN A 101 19.35 -8.04 34.49
N LEU A 102 19.55 -6.72 34.52
CA LEU A 102 20.89 -6.17 34.30
C LEU A 102 21.90 -6.68 35.30
N GLY A 103 21.44 -7.17 36.46
CA GLY A 103 22.33 -7.74 37.45
C GLY A 103 23.08 -8.95 36.94
N LEU A 104 22.54 -9.60 35.90
CA LEU A 104 23.21 -10.74 35.29
C LEU A 104 24.60 -10.33 34.80
N ALA A 105 24.77 -9.04 34.46
CA ALA A 105 26.08 -8.52 34.11
C ALA A 105 27.10 -8.84 35.19
N GLY A 106 26.70 -8.73 36.44
CA GLY A 106 27.62 -9.03 37.51
C GLY A 106 28.35 -10.34 37.30
N PHE A 107 27.67 -11.31 36.67
CA PHE A 107 28.25 -12.63 36.47
C PHE A 107 29.62 -12.61 35.78
N GLU A 108 29.82 -11.66 34.86
CA GLU A 108 31.12 -11.44 34.25
C GLU A 108 32.22 -11.47 35.30
N LYS A 109 32.17 -10.49 36.23
CA LYS A 109 33.11 -10.48 37.35
C LYS A 109 33.14 -11.85 38.03
N THR A 110 31.97 -12.34 38.44
CA THR A 110 31.89 -13.64 39.12
C THR A 110 32.71 -14.69 38.38
N PHE A 111 32.55 -14.76 37.06
CA PHE A 111 33.20 -15.82 36.30
C PHE A 111 34.70 -15.81 36.52
N TYR A 112 35.32 -14.63 36.38
CA TYR A 112 36.78 -14.56 36.48
C TYR A 112 37.29 -14.92 37.87
N ASP A 113 36.50 -14.66 38.94
CA ASP A 113 36.95 -15.07 40.26
C ASP A 113 37.20 -16.58 40.28
N SER A 114 36.28 -17.35 39.68
CA SER A 114 36.50 -18.79 39.61
C SER A 114 37.65 -19.14 38.68
N GLN A 115 37.80 -18.40 37.55
CA GLN A 115 38.94 -18.64 36.68
C GLN A 115 40.23 -18.50 37.47
N ASP A 116 40.24 -17.63 38.49
CA ASP A 116 41.43 -17.40 39.26
C ASP A 116 41.64 -18.47 40.32
N GLU A 117 40.58 -19.14 40.78
CA GLU A 117 40.77 -20.05 41.92
C GLU A 117 40.80 -21.52 41.49
N ASN A 118 39.89 -21.96 40.61
CA ASN A 118 39.87 -23.38 40.24
C ASN A 118 39.37 -23.60 38.81
N LYS A 119 39.37 -22.55 37.96
CA LYS A 119 39.19 -22.66 36.51
C LYS A 119 37.88 -23.38 36.12
N ARG A 120 36.82 -23.14 36.92
CA ARG A 120 35.47 -23.64 36.66
C ARG A 120 34.63 -22.51 36.05
N GLY A 121 33.36 -22.38 36.43
CA GLY A 121 32.58 -21.23 36.01
C GLY A 121 32.09 -21.23 34.57
N GLU A 122 32.63 -22.12 33.71
CA GLU A 122 31.95 -22.42 32.45
C GLU A 122 30.67 -23.19 32.73
N LEU A 123 30.69 -24.01 33.79
CA LEU A 123 29.65 -24.99 34.07
C LEU A 123 28.67 -24.51 35.13
N MET A 124 28.55 -23.19 35.31
CA MET A 124 27.62 -22.67 36.31
C MET A 124 26.18 -22.87 35.87
N LEU A 125 25.82 -22.44 34.66
CA LEU A 125 24.46 -22.67 34.19
C LEU A 125 24.14 -24.17 34.13
N LYS A 126 25.11 -24.98 33.70
CA LYS A 126 24.94 -26.45 33.71
C LYS A 126 24.48 -26.92 35.10
N ASN A 127 25.19 -26.46 36.14
CA ASN A 127 24.88 -26.86 37.51
C ASN A 127 23.53 -26.33 37.98
N ALA A 128 23.22 -25.06 37.68
CA ALA A 128 21.94 -24.47 38.10
C ALA A 128 20.76 -25.18 37.42
N LEU A 129 20.94 -25.56 36.15
CA LEU A 129 19.89 -26.21 35.39
C LEU A 129 19.65 -27.63 35.87
N GLU A 130 20.68 -28.29 36.43
CA GLU A 130 20.61 -29.67 36.91
C GLU A 130 19.28 -30.09 37.53
N SER A 131 18.55 -29.16 38.16
CA SER A 131 17.34 -29.51 38.92
C SER A 131 16.02 -29.57 38.12
N VAL A 132 15.96 -29.19 36.83
CA VAL A 132 14.71 -29.17 36.06
C VAL A 132 14.82 -30.00 34.77
N VAL A 133 15.86 -30.81 34.62
CA VAL A 133 16.10 -31.53 33.37
C VAL A 133 15.12 -32.67 33.11
N GLY A 134 14.26 -32.97 34.07
CA GLY A 134 13.19 -33.91 33.85
C GLY A 134 11.80 -33.27 33.88
N LEU A 135 11.73 -31.98 34.19
CA LEU A 135 10.44 -31.31 34.34
C LEU A 135 10.02 -30.59 33.07
N TYR A 136 10.96 -30.46 32.12
CA TYR A 136 10.75 -29.78 30.85
C TYR A 136 11.20 -30.69 29.71
N ASP A 137 10.57 -30.52 28.56
CA ASP A 137 11.04 -31.23 27.37
C ASP A 137 12.19 -30.48 26.74
N TYR A 138 12.02 -29.18 26.56
CA TYR A 138 13.04 -28.34 25.98
C TYR A 138 13.30 -27.14 26.87
N ILE A 139 14.58 -26.84 27.05
CA ILE A 139 15.01 -25.61 27.69
C ILE A 139 15.90 -24.85 26.71
N ILE A 140 15.44 -23.66 26.34
CA ILE A 140 15.95 -22.79 25.26
C ILE A 140 16.67 -21.61 25.92
N ILE A 141 17.94 -21.41 25.64
CA ILE A 141 18.70 -20.38 26.34
C ILE A 141 19.04 -19.25 25.37
N ASP A 142 18.46 -18.05 25.58
CA ASP A 142 18.76 -16.89 24.73
C ASP A 142 20.04 -16.22 25.20
N SER A 143 21.09 -16.20 24.30
CA SER A 143 22.44 -15.75 24.64
C SER A 143 22.65 -14.29 24.30
N PRO A 144 23.61 -13.61 24.95
CA PRO A 144 23.96 -12.21 24.62
C PRO A 144 24.96 -12.13 23.49
N PRO A 145 25.12 -10.95 22.87
CA PRO A 145 25.98 -10.80 21.67
C PRO A 145 27.47 -10.74 22.00
N ALA A 146 27.97 -11.84 22.55
CA ALA A 146 29.34 -11.93 23.00
C ALA A 146 29.83 -13.36 22.82
N LEU A 147 31.11 -13.58 23.06
CA LEU A 147 31.61 -14.92 23.28
C LEU A 147 32.13 -15.01 24.71
N GLY A 148 31.50 -14.25 25.60
CA GLY A 148 31.94 -14.10 26.97
C GLY A 148 31.44 -15.16 27.95
N PRO A 149 31.64 -14.90 29.24
CA PRO A 149 31.33 -15.93 30.25
C PRO A 149 29.93 -16.50 30.11
N LEU A 150 28.93 -15.62 29.93
CA LEU A 150 27.55 -16.08 29.81
C LEU A 150 27.37 -16.94 28.56
N THR A 151 27.85 -16.45 27.42
CA THR A 151 27.68 -17.23 26.19
C THR A 151 28.30 -18.60 26.32
N ILE A 152 29.43 -18.68 27.03
CA ILE A 152 30.15 -19.94 27.28
C ILE A 152 29.37 -20.85 28.21
N ASN A 153 28.81 -20.30 29.29
CA ASN A 153 27.91 -21.08 30.13
C ASN A 153 26.79 -21.67 29.31
N SER A 154 26.11 -20.82 28.53
CA SER A 154 24.97 -21.24 27.74
C SER A 154 25.35 -22.39 26.82
N LEU A 155 26.50 -22.30 26.17
CA LEU A 155 26.93 -23.41 25.32
C LEU A 155 27.28 -24.64 26.14
N SER A 156 27.84 -24.46 27.34
CA SER A 156 28.32 -25.59 28.12
C SER A 156 27.14 -26.39 28.67
N ALA A 157 26.06 -25.70 29.04
CA ALA A 157 24.90 -26.38 29.59
C ALA A 157 24.13 -27.12 28.51
N ALA A 158 24.23 -26.68 27.28
CA ALA A 158 23.31 -27.04 26.23
C ALA A 158 23.69 -28.35 25.56
N HIS A 159 22.67 -29.09 25.10
CA HIS A 159 22.89 -30.25 24.23
C HIS A 159 23.22 -29.84 22.81
N SER A 160 22.57 -28.81 22.29
CA SER A 160 22.86 -28.35 20.95
C SER A 160 22.67 -26.83 20.93
N VAL A 161 23.12 -26.23 19.85
CA VAL A 161 23.09 -24.78 19.69
C VAL A 161 22.30 -24.44 18.41
N ILE A 162 21.46 -23.41 18.47
CA ILE A 162 20.78 -22.90 17.27
C ILE A 162 21.41 -21.55 16.98
N ILE A 163 21.87 -21.40 15.74
CA ILE A 163 22.71 -20.29 15.30
C ILE A 163 21.94 -19.47 14.28
N PRO A 164 21.37 -18.35 14.68
CA PRO A 164 20.71 -17.45 13.73
C PRO A 164 21.72 -16.66 12.89
N ILE A 165 21.53 -16.68 11.57
CA ILE A 165 22.49 -16.05 10.68
C ILE A 165 21.76 -15.06 9.79
N GLN A 166 22.09 -13.80 9.93
CA GLN A 166 21.64 -12.77 9.03
C GLN A 166 22.60 -12.68 7.85
N CYS A 167 22.11 -12.99 6.66
CA CYS A 167 23.02 -13.17 5.52
C CYS A 167 23.53 -11.82 5.01
N GLU A 168 24.29 -11.16 5.86
CA GLU A 168 25.07 -10.01 5.51
C GLU A 168 26.53 -10.30 5.80
N PHE A 169 27.37 -9.30 5.53
CA PHE A 169 28.80 -9.58 5.35
C PHE A 169 29.46 -10.05 6.64
N PHE A 170 29.23 -9.32 7.74
CA PHE A 170 29.94 -9.60 8.98
C PHE A 170 29.58 -10.96 9.55
N ALA A 171 28.43 -11.50 9.23
CA ALA A 171 28.09 -12.85 9.66
C ALA A 171 28.79 -13.92 8.83
N LEU A 172 29.76 -13.54 8.01
CA LEU A 172 30.62 -14.55 7.37
C LEU A 172 31.74 -14.93 8.31
N GLU A 173 32.72 -14.03 8.44
CA GLU A 173 33.84 -14.23 9.35
C GLU A 173 33.33 -14.64 10.74
N GLY A 174 32.32 -13.92 11.27
CA GLY A 174 31.87 -14.18 12.61
C GLY A 174 31.67 -15.66 12.84
N THR A 175 30.99 -16.32 11.89
CA THR A 175 30.61 -17.73 12.08
C THR A 175 31.82 -18.59 12.40
N LYS A 176 32.88 -18.48 11.58
CA LYS A 176 34.03 -19.33 11.79
C LYS A 176 34.52 -19.22 13.22
N LEU A 177 34.65 -17.97 13.70
CA LEU A 177 35.07 -17.75 15.08
C LEU A 177 34.15 -18.47 16.06
N LEU A 178 32.81 -18.31 15.92
CA LEU A 178 31.89 -18.98 16.83
C LEU A 178 32.13 -20.50 16.86
N LEU A 179 32.30 -21.12 15.69
CA LEU A 179 32.50 -22.57 15.65
C LEU A 179 33.74 -22.94 16.42
N ASN A 180 34.79 -22.13 16.29
CA ASN A 180 36.00 -22.30 17.07
C ASN A 180 35.68 -22.46 18.55
N THR A 181 34.92 -21.52 19.10
CA THR A 181 34.53 -21.60 20.52
C THR A 181 33.79 -22.89 20.82
N ILE A 182 32.89 -23.33 19.92
CA ILE A 182 32.23 -24.62 20.11
C ILE A 182 33.26 -25.71 20.30
N ARG A 183 34.20 -25.82 19.34
CA ARG A 183 35.23 -26.85 19.41
C ARG A 183 36.03 -26.74 20.70
N MET A 184 36.34 -25.51 21.13
CA MET A 184 37.04 -25.34 22.41
C MET A 184 36.26 -26.01 23.54
N LEU A 185 34.98 -25.64 23.69
CA LEU A 185 34.18 -26.30 24.71
C LEU A 185 34.04 -27.78 24.40
N GLN A 186 33.91 -28.14 23.12
CA GLN A 186 33.76 -29.54 22.78
C GLN A 186 35.00 -30.33 23.13
N LYS A 187 36.13 -29.64 23.28
CA LYS A 187 37.36 -30.26 23.74
C LYS A 187 37.67 -30.02 25.21
N SER A 188 36.97 -29.11 25.91
CA SER A 188 37.35 -28.76 27.29
C SER A 188 36.27 -29.08 28.29
N THR A 189 35.10 -28.44 28.17
CA THR A 189 33.99 -28.55 29.10
C THR A 189 32.80 -29.36 28.57
N ASN A 190 32.43 -29.27 27.26
CA ASN A 190 31.17 -29.83 26.75
C ASN A 190 31.29 -30.71 25.49
N PRO A 191 31.63 -32.01 25.65
CA PRO A 191 31.80 -32.87 24.46
C PRO A 191 30.50 -33.17 23.73
N LYS A 192 29.36 -33.19 24.43
CA LYS A 192 28.09 -33.55 23.80
C LYS A 192 27.61 -32.51 22.79
N LEU A 193 28.21 -31.32 22.77
CA LEU A 193 27.66 -30.17 22.07
C LEU A 193 27.50 -30.43 20.59
N LYS A 194 26.28 -30.23 20.08
CA LYS A 194 25.93 -30.41 18.68
C LYS A 194 25.53 -29.05 18.12
N ILE A 195 25.79 -28.80 16.85
CA ILE A 195 25.18 -27.64 16.21
C ILE A 195 23.84 -28.14 15.71
N ARG A 196 22.75 -27.75 16.37
CA ARG A 196 21.42 -28.17 15.95
C ARG A 196 21.11 -27.63 14.56
N GLY A 197 21.71 -26.51 14.22
CA GLY A 197 21.61 -26.03 12.86
C GLY A 197 21.90 -24.55 12.80
N PHE A 198 22.04 -24.08 11.57
CA PHE A 198 22.14 -22.68 11.27
C PHE A 198 20.77 -22.27 10.78
N LEU A 199 20.36 -21.06 11.14
CA LEU A 199 19.00 -20.59 10.87
C LEU A 199 19.08 -19.23 10.23
N PRO A 200 18.90 -19.13 8.93
CA PRO A 200 18.90 -17.83 8.28
C PRO A 200 17.78 -16.99 8.83
N THR A 201 18.10 -15.76 9.22
CA THR A 201 17.12 -14.85 9.79
C THR A 201 17.19 -13.51 9.05
N MET A 202 16.10 -12.76 9.17
CA MET A 202 15.89 -11.49 8.44
C MET A 202 16.05 -11.64 6.94
N HIS A 203 15.80 -12.84 6.47
CA HIS A 203 16.19 -13.21 5.14
C HIS A 203 15.48 -12.34 4.08
N VAL A 204 16.25 -11.73 3.19
CA VAL A 204 15.68 -11.17 1.95
C VAL A 204 16.21 -11.98 0.78
N PRO A 205 15.47 -12.91 0.20
CA PRO A 205 16.13 -13.87 -0.68
C PRO A 205 16.59 -13.28 -2.02
N GLN A 206 16.08 -12.12 -2.44
CA GLN A 206 16.40 -11.66 -3.78
C GLN A 206 17.52 -10.62 -3.83
N LEU A 207 17.87 -10.04 -2.69
CA LEU A 207 19.01 -9.15 -2.65
C LEU A 207 20.23 -9.94 -3.06
N ASN A 208 21.14 -9.24 -3.70
CA ASN A 208 22.30 -9.99 -4.17
C ASN A 208 23.26 -10.25 -3.03
N LEU A 209 23.41 -9.30 -2.11
CA LEU A 209 24.28 -9.61 -0.98
C LEU A 209 23.80 -10.85 -0.25
N THR A 210 22.47 -11.01 -0.07
CA THR A 210 21.94 -12.17 0.64
C THR A 210 22.24 -13.45 -0.12
N LYS A 211 21.98 -13.46 -1.43
CA LYS A 211 22.35 -14.60 -2.25
C LYS A 211 23.79 -15.00 -2.00
N GLY A 212 24.68 -14.01 -2.01
CA GLY A 212 26.11 -14.30 -1.93
C GLY A 212 26.55 -14.88 -0.62
N VAL A 213 26.18 -14.24 0.49
CA VAL A 213 26.56 -14.75 1.80
C VAL A 213 25.88 -16.10 2.04
N LEU A 214 24.68 -16.30 1.51
CA LEU A 214 24.13 -17.63 1.55
C LEU A 214 25.01 -18.59 0.78
N ALA A 215 25.43 -18.23 -0.43
CA ALA A 215 26.18 -19.16 -1.26
C ALA A 215 27.45 -19.58 -0.55
N GLU A 216 28.14 -18.61 0.05
CA GLU A 216 29.36 -18.83 0.83
C GLU A 216 29.14 -19.76 2.01
N LEU A 217 28.14 -19.45 2.83
CA LEU A 217 27.82 -20.26 4.00
C LEU A 217 27.30 -21.65 3.62
N PHE A 218 26.55 -21.75 2.51
CA PHE A 218 26.17 -23.04 1.97
C PHE A 218 27.41 -23.85 1.74
N LYS A 219 28.34 -23.30 0.96
CA LYS A 219 29.65 -23.91 0.72
C LYS A 219 30.24 -24.59 1.94
N TYR A 220 30.34 -23.83 3.04
CA TYR A 220 31.00 -24.33 4.25
C TYR A 220 30.13 -25.16 5.20
N PHE A 221 28.81 -25.07 5.15
CA PHE A 221 27.96 -25.71 6.17
C PHE A 221 26.62 -26.13 5.60
N ASP A 222 26.59 -26.56 4.35
CA ASP A 222 25.32 -26.83 3.67
C ASP A 222 24.50 -27.89 4.43
N SER A 223 25.21 -28.83 5.10
CA SER A 223 24.57 -29.87 5.91
C SER A 223 23.99 -29.34 7.25
N GLU A 224 24.41 -28.17 7.74
CA GLU A 224 23.92 -27.66 9.01
C GLU A 224 22.67 -26.84 8.87
N PHE A 225 22.09 -26.75 7.69
CA PHE A 225 21.00 -25.83 7.49
C PHE A 225 19.66 -26.50 7.76
N PHE A 226 18.82 -25.82 8.54
CA PHE A 226 17.53 -26.36 8.93
C PHE A 226 16.72 -26.64 7.68
N ARG A 227 16.34 -27.89 7.52
CA ARG A 227 15.43 -28.24 6.45
C ARG A 227 14.06 -28.55 7.06
N ASP A 228 13.03 -27.94 6.49
CA ASP A 228 11.69 -28.43 6.71
C ASP A 228 11.68 -29.85 6.18
N SER A 229 11.62 -30.82 7.06
CA SER A 229 11.64 -32.20 6.60
C SER A 229 10.50 -32.54 5.62
N ALA A 230 9.43 -31.74 5.62
CA ALA A 230 8.33 -31.89 4.65
C ALA A 230 8.79 -31.70 3.20
N THR A 231 9.47 -30.59 2.91
CA THR A 231 9.94 -30.30 1.57
C THR A 231 11.45 -30.42 1.40
N GLY A 232 12.17 -30.83 2.44
CA GLY A 232 13.62 -30.85 2.40
C GLY A 232 14.18 -29.44 2.24
N GLU A 233 13.32 -28.48 1.93
CA GLU A 233 13.72 -27.12 1.60
C GLU A 233 14.24 -26.39 2.83
N TYR A 234 15.12 -25.42 2.58
CA TYR A 234 15.69 -24.61 3.64
C TYR A 234 14.61 -23.80 4.37
N ILE A 235 14.80 -23.64 5.70
CA ILE A 235 13.94 -22.83 6.55
C ILE A 235 14.70 -21.56 6.87
N MET A 236 14.19 -20.42 6.41
CA MET A 236 14.84 -19.12 6.55
C MET A 236 13.80 -18.11 6.98
N ILE A 237 14.01 -17.46 8.12
CA ILE A 237 13.01 -16.57 8.72
C ILE A 237 13.01 -15.25 7.95
N PRO A 238 11.89 -14.88 7.33
CA PRO A 238 11.83 -13.70 6.45
C PRO A 238 11.75 -12.41 7.22
N LYS A 239 12.20 -11.35 6.58
CA LYS A 239 12.02 -10.06 7.20
C LYS A 239 10.54 -9.84 7.31
N SER A 240 10.10 -9.58 8.52
CA SER A 240 8.69 -9.49 8.86
C SER A 240 8.65 -8.40 9.88
N VAL A 241 8.11 -7.26 9.49
CA VAL A 241 7.97 -6.18 10.46
C VAL A 241 7.12 -6.62 11.62
N LYS A 242 6.10 -7.46 11.36
CA LYS A 242 5.23 -8.03 12.39
C LYS A 242 5.99 -8.90 13.36
N LEU A 243 7.02 -9.62 12.87
CA LEU A 243 7.95 -10.38 13.70
C LEU A 243 8.69 -9.49 14.67
N ALA A 244 8.86 -8.22 14.31
CA ALA A 244 9.56 -7.23 15.12
C ALA A 244 8.64 -6.37 15.99
N GLU A 245 7.33 -6.37 15.72
CA GLU A 245 6.29 -5.73 16.53
C GLU A 245 5.90 -6.62 17.71
N SER A 246 5.90 -7.93 17.49
CA SER A 246 5.43 -8.89 18.48
C SER A 246 5.93 -8.61 19.90
N PRO A 247 7.20 -8.27 20.14
CA PRO A 247 7.57 -7.98 21.54
C PRO A 247 6.95 -6.69 22.06
N SER A 248 6.56 -5.76 21.21
CA SER A 248 5.93 -4.54 21.68
C SER A 248 4.56 -4.81 22.25
N PHE A 249 3.95 -5.93 21.92
CA PHE A 249 2.70 -6.36 22.56
C PHE A 249 2.93 -7.53 23.50
N GLY A 250 4.11 -7.65 24.08
CA GLY A 250 4.49 -8.69 25.00
C GLY A 250 4.12 -10.08 24.56
N LYS A 251 4.13 -10.38 23.27
CA LYS A 251 3.61 -11.62 22.72
C LYS A 251 4.63 -12.25 21.77
N PRO A 252 4.62 -13.59 21.64
CA PRO A 252 5.21 -14.24 20.47
C PRO A 252 4.47 -13.91 19.20
N ILE A 253 4.93 -14.50 18.09
CA ILE A 253 4.27 -14.20 16.85
C ILE A 253 2.94 -14.91 16.79
N LEU A 254 2.91 -16.14 17.32
CA LEU A 254 1.73 -16.98 17.17
C LEU A 254 0.57 -16.45 17.97
N LEU A 255 0.81 -15.70 19.03
CA LEU A 255 -0.26 -14.99 19.72
C LEU A 255 -0.55 -13.61 19.13
N TYR A 256 0.41 -13.01 18.40
CA TYR A 256 0.25 -11.65 17.88
C TYR A 256 -0.26 -11.65 16.45
N ASP A 257 0.20 -12.58 15.61
CA ASP A 257 -0.25 -12.67 14.22
C ASP A 257 0.13 -14.04 13.66
N ILE A 258 -0.66 -15.06 13.94
CA ILE A 258 -0.16 -16.40 13.71
C ILE A 258 -0.08 -16.79 12.24
N LYS A 259 -0.68 -16.02 11.33
CA LYS A 259 -0.69 -16.31 9.90
C LYS A 259 0.44 -15.59 9.11
N SER A 260 1.18 -14.65 9.71
CA SER A 260 2.26 -13.98 8.98
C SER A 260 3.39 -14.95 8.74
N ASN A 261 4.33 -14.56 7.87
CA ASN A 261 5.36 -15.49 7.45
C ASN A 261 6.38 -15.74 8.54
N GLY A 262 6.62 -14.72 9.39
CA GLY A 262 7.38 -14.95 10.60
C GLY A 262 6.90 -16.16 11.38
N SER A 263 5.60 -16.20 11.67
CA SER A 263 5.07 -17.29 12.49
C SER A 263 5.17 -18.63 11.80
N ILE A 264 4.74 -18.69 10.53
CA ILE A 264 4.78 -19.97 9.82
C ILE A 264 6.19 -20.52 9.83
N ALA A 265 7.18 -19.64 9.65
CA ALA A 265 8.57 -20.05 9.61
C ALA A 265 9.05 -20.57 10.96
N TYR A 266 8.72 -19.86 12.04
CA TYR A 266 9.18 -20.32 13.36
C TYR A 266 8.46 -21.61 13.74
N GLN A 267 7.27 -21.79 13.22
CA GLN A 267 6.60 -23.06 13.40
C GLN A 267 7.25 -24.18 12.59
N LYS A 268 7.62 -23.91 11.34
CA LYS A 268 8.30 -24.95 10.57
C LYS A 268 9.59 -25.34 11.25
N LEU A 269 10.27 -24.33 11.81
CA LEU A 269 11.45 -24.57 12.62
C LEU A 269 11.12 -25.50 13.76
N ALA A 270 9.98 -25.26 14.44
CA ALA A 270 9.55 -26.13 15.56
C ALA A 270 9.30 -27.57 15.13
N GLN A 271 8.59 -27.76 14.01
CA GLN A 271 8.35 -29.11 13.49
C GLN A 271 9.64 -29.84 13.16
N SER A 272 10.56 -29.15 12.48
CA SER A 272 11.83 -29.76 12.12
C SER A 272 12.61 -30.17 13.36
N ILE A 273 12.68 -29.28 14.36
CA ILE A 273 13.31 -29.60 15.63
C ILE A 273 12.68 -30.86 16.21
N LEU A 274 11.35 -30.96 16.11
CA LEU A 274 10.63 -32.08 16.74
C LEU A 274 10.93 -33.43 16.08
N GLN A 275 10.88 -33.49 14.74
CA GLN A 275 11.16 -34.75 14.05
C GLN A 275 12.50 -35.33 14.47
N GLY A 276 13.35 -34.51 15.10
CA GLY A 276 14.67 -34.89 15.60
C GLY A 276 15.74 -33.87 15.26
N MET B 13 46.38 21.43 17.71
CA MET B 13 45.30 20.52 17.32
C MET B 13 44.91 19.64 18.49
N MET B 14 43.62 19.52 18.69
CA MET B 14 43.11 18.72 19.79
C MET B 14 41.96 17.93 19.20
N SER B 15 42.26 16.70 18.82
CA SER B 15 41.30 15.79 18.24
C SER B 15 40.11 15.72 19.14
N GLU B 16 38.92 15.96 18.56
CA GLU B 16 37.73 15.52 19.28
C GLU B 16 37.71 14.00 19.17
N ILE B 17 37.57 13.36 20.32
CA ILE B 17 37.49 11.91 20.43
C ILE B 17 36.01 11.60 20.58
N ILE B 18 35.48 10.95 19.54
CA ILE B 18 34.06 10.71 19.33
C ILE B 18 33.85 9.22 19.36
N ALA B 19 33.09 8.77 20.36
CA ALA B 19 32.77 7.38 20.57
C ALA B 19 31.40 7.08 19.97
N VAL B 20 31.36 6.18 19.00
CA VAL B 20 30.11 5.61 18.49
C VAL B 20 29.88 4.37 19.35
N ALA B 21 28.98 4.48 20.32
CA ALA B 21 28.68 3.38 21.22
C ALA B 21 27.18 3.21 21.26
N ASN B 22 26.76 2.00 21.62
CA ASN B 22 25.35 1.69 21.93
C ASN B 22 25.29 0.24 22.42
N GLN B 23 24.58 -0.09 23.50
CA GLN B 23 24.75 -1.45 23.99
C GLN B 23 24.04 -2.55 23.17
N LYS B 24 23.08 -2.21 22.28
CA LYS B 24 22.45 -3.21 21.42
C LYS B 24 23.32 -3.57 20.21
N GLY B 25 23.28 -4.85 19.83
CA GLY B 25 24.02 -5.30 18.67
C GLY B 25 23.25 -5.09 17.37
N GLY B 26 24.03 -4.94 16.30
CA GLY B 26 23.53 -4.79 14.94
C GLY B 26 22.85 -3.49 14.61
N VAL B 27 23.21 -2.39 15.26
CA VAL B 27 22.51 -1.12 15.10
C VAL B 27 23.31 -0.09 14.31
N GLY B 28 24.47 -0.46 13.77
CA GLY B 28 25.18 0.42 12.88
C GLY B 28 26.38 1.13 13.43
N LYS B 29 26.90 0.76 14.61
CA LYS B 29 28.05 1.48 15.15
C LYS B 29 29.28 1.30 14.27
N THR B 30 29.50 0.09 13.81
CA THR B 30 30.59 -0.24 12.91
C THR B 30 30.39 0.36 11.54
N THR B 31 29.14 0.42 11.04
CA THR B 31 28.89 1.03 9.75
C THR B 31 28.99 2.55 9.83
N THR B 32 28.51 3.13 10.93
CA THR B 32 28.59 4.56 11.14
C THR B 32 30.03 5.00 11.33
N ALA B 33 30.82 4.20 12.06
CA ALA B 33 32.19 4.62 12.35
C ALA B 33 33.03 4.67 11.10
N VAL B 34 33.07 3.55 10.36
CA VAL B 34 33.77 3.50 9.09
C VAL B 34 33.36 4.67 8.21
N ASN B 35 32.04 4.86 8.01
CA ASN B 35 31.55 5.80 7.00
C ASN B 35 31.62 7.26 7.45
N LEU B 36 31.56 7.53 8.75
CA LEU B 36 31.83 8.89 9.20
C LEU B 36 33.32 9.21 9.08
N ALA B 37 34.18 8.30 9.49
CA ALA B 37 35.60 8.48 9.28
C ALA B 37 35.88 8.82 7.82
N ALA B 38 35.32 8.06 6.89
CA ALA B 38 35.58 8.34 5.47
C ALA B 38 34.97 9.66 5.03
N SER B 39 33.73 9.92 5.42
CA SER B 39 33.12 11.13 4.90
C SER B 39 33.77 12.40 5.47
N LEU B 40 34.48 12.28 6.59
CA LEU B 40 35.26 13.40 7.12
C LEU B 40 36.64 13.46 6.51
N ALA B 41 37.23 12.30 6.22
CA ALA B 41 38.51 12.23 5.52
C ALA B 41 38.43 12.91 4.15
N VAL B 42 37.34 12.68 3.42
CA VAL B 42 37.17 13.42 2.16
C VAL B 42 37.08 14.93 2.38
N HIS B 43 36.80 15.40 3.59
CA HIS B 43 36.87 16.83 3.84
C HIS B 43 38.24 17.32 4.19
N GLU B 44 39.29 16.60 3.85
CA GLU B 44 40.66 17.06 4.06
C GLU B 44 40.92 17.39 5.54
N LYS B 45 40.42 16.50 6.42
CA LYS B 45 40.72 16.44 7.85
C LYS B 45 41.27 15.06 8.19
N LYS B 46 42.31 15.03 9.05
CA LYS B 46 43.01 13.77 9.41
C LYS B 46 42.28 13.05 10.54
N ILE B 47 41.90 11.80 10.27
CA ILE B 47 40.99 10.96 11.05
C ILE B 47 41.70 9.67 11.48
N LEU B 48 41.60 9.32 12.76
CA LEU B 48 42.02 8.00 13.23
C LEU B 48 40.82 7.20 13.69
N LEU B 49 40.63 6.00 13.16
CA LEU B 49 39.49 5.14 13.50
C LEU B 49 39.97 3.99 14.39
N ILE B 50 39.51 3.96 15.62
CA ILE B 50 39.81 2.86 16.52
C ILE B 50 38.76 1.78 16.36
N ASP B 51 39.21 0.54 16.14
CA ASP B 51 38.33 -0.63 16.13
C ASP B 51 38.43 -1.28 17.51
N PHE B 52 37.50 -0.92 18.38
CA PHE B 52 37.53 -1.38 19.76
C PHE B 52 36.72 -2.64 19.94
N ASP B 53 36.46 -3.38 18.86
CA ASP B 53 35.60 -4.53 19.02
C ASP B 53 36.41 -5.78 18.72
N PRO B 54 36.49 -6.76 19.63
CA PRO B 54 37.24 -7.99 19.36
C PRO B 54 36.78 -8.70 18.11
N GLN B 55 35.59 -8.35 17.61
CA GLN B 55 35.14 -8.85 16.32
C GLN B 55 35.93 -8.24 15.16
N ALA B 56 36.48 -7.05 15.36
CA ALA B 56 37.25 -6.39 14.34
C ALA B 56 36.41 -6.18 13.09
N ASN B 57 35.18 -5.68 13.28
CA ASN B 57 34.32 -5.45 12.13
C ASN B 57 34.71 -4.18 11.39
N ALA B 58 35.14 -3.15 12.11
CA ALA B 58 35.62 -1.96 11.42
C ALA B 58 36.91 -2.26 10.65
N THR B 59 37.84 -3.00 11.27
CA THR B 59 39.02 -3.45 10.54
C THR B 59 38.67 -4.09 9.22
N SER B 60 37.92 -5.19 9.25
CA SER B 60 37.69 -5.89 7.99
C SER B 60 36.87 -5.05 7.03
N SER B 61 36.07 -4.12 7.57
CA SER B 61 35.32 -3.18 6.76
C SER B 61 36.18 -2.25 6.00
N LEU B 62 37.42 -2.02 6.44
CA LEU B 62 38.36 -1.24 5.64
C LEU B 62 39.33 -2.10 4.86
N GLY B 63 39.05 -3.37 4.68
CA GLY B 63 39.87 -4.18 3.82
C GLY B 63 41.06 -4.89 4.45
N PHE B 64 41.35 -4.69 5.72
CA PHE B 64 42.45 -5.42 6.30
C PHE B 64 42.06 -6.85 6.63
N ARG B 65 43.08 -7.71 6.78
CA ARG B 65 42.88 -9.09 7.22
C ARG B 65 43.23 -9.17 8.69
N ARG B 66 42.20 -9.41 9.51
CA ARG B 66 42.40 -9.59 10.94
C ARG B 66 43.46 -10.64 11.18
N ASP B 67 43.52 -11.66 10.32
CA ASP B 67 44.47 -12.75 10.52
C ASP B 67 45.89 -12.39 10.11
N LYS B 68 46.08 -11.53 9.11
CA LYS B 68 47.40 -11.09 8.71
C LYS B 68 47.78 -9.75 9.34
N ILE B 69 47.16 -9.39 10.47
CA ILE B 69 47.44 -8.15 11.21
C ILE B 69 48.21 -8.55 12.47
N ASP B 70 49.39 -7.93 12.69
CA ASP B 70 50.33 -8.40 13.73
C ASP B 70 50.02 -7.89 15.13
N TYR B 71 50.21 -6.57 15.36
CA TYR B 71 49.99 -6.01 16.69
C TYR B 71 48.84 -5.01 16.69
N ASP B 72 48.04 -5.04 17.76
CA ASP B 72 46.78 -4.29 17.76
C ASP B 72 46.59 -3.56 19.09
N ILE B 73 45.39 -3.00 19.25
CA ILE B 73 45.11 -2.10 20.36
C ILE B 73 45.17 -2.80 21.72
N TYR B 74 45.03 -4.13 21.75
CA TYR B 74 45.23 -4.84 23.02
C TYR B 74 46.61 -4.52 23.58
N HIS B 75 47.65 -4.84 22.79
CA HIS B 75 49.02 -4.65 23.23
C HIS B 75 49.31 -3.20 23.55
N VAL B 76 48.57 -2.27 22.95
CA VAL B 76 48.65 -0.87 23.33
C VAL B 76 48.11 -0.67 24.76
N LEU B 77 46.94 -1.25 25.04
CA LEU B 77 46.30 -1.03 26.35
C LEU B 77 47.13 -1.62 27.48
N ILE B 78 47.72 -2.79 27.26
CA ILE B 78 48.61 -3.42 28.23
C ILE B 78 50.00 -2.82 28.24
N GLY B 79 50.28 -1.84 27.40
CA GLY B 79 51.58 -1.19 27.35
C GLY B 79 52.64 -1.91 26.55
N ARG B 80 52.36 -3.14 26.11
CA ARG B 80 53.34 -3.89 25.31
C ARG B 80 53.70 -3.18 24.00
N LYS B 81 52.87 -2.22 23.57
CA LYS B 81 53.08 -1.50 22.33
C LYS B 81 52.66 -0.05 22.50
N GLN B 82 53.24 0.80 21.67
CA GLN B 82 52.83 2.18 21.58
C GLN B 82 51.57 2.23 20.73
N ILE B 83 50.67 3.16 21.04
CA ILE B 83 49.51 3.31 20.16
C ILE B 83 49.97 3.70 18.75
N SER B 84 51.05 4.49 18.67
CA SER B 84 51.63 4.92 17.39
C SER B 84 52.29 3.77 16.63
N GLN B 85 52.52 2.63 17.27
CA GLN B 85 53.07 1.47 16.59
C GLN B 85 52.03 0.69 15.80
N VAL B 86 50.79 0.61 16.29
CA VAL B 86 49.80 -0.29 15.70
C VAL B 86 49.02 0.32 14.55
N ILE B 87 48.99 1.65 14.44
CA ILE B 87 48.24 2.36 13.41
C ILE B 87 48.67 1.90 12.01
N LEU B 88 47.71 1.58 11.16
CA LEU B 88 47.99 1.30 9.75
C LEU B 88 47.38 2.40 8.90
N LYS B 89 47.97 2.66 7.74
CA LYS B 89 47.38 3.66 6.86
C LYS B 89 46.48 2.95 5.88
N THR B 90 45.41 3.62 5.50
CA THR B 90 44.37 2.94 4.75
C THR B 90 44.28 3.54 3.38
N GLN B 91 43.40 2.92 2.60
CA GLN B 91 43.03 3.25 1.22
C GLN B 91 42.58 4.69 1.03
N MET B 92 42.29 5.35 2.13
CA MET B 92 42.12 6.76 2.08
C MET B 92 43.35 7.37 2.72
N PRO B 93 44.04 8.28 2.07
CA PRO B 93 45.30 8.75 2.67
C PRO B 93 45.06 9.46 3.99
N PHE B 94 43.86 10.08 4.19
CA PHE B 94 43.55 10.81 5.41
C PHE B 94 42.91 9.98 6.49
N LEU B 95 42.60 8.71 6.25
CA LEU B 95 41.98 7.80 7.22
C LEU B 95 43.00 6.78 7.73
N ASP B 96 43.20 6.71 9.04
CA ASP B 96 44.09 5.71 9.63
C ASP B 96 43.31 4.81 10.58
N LEU B 97 43.84 3.61 10.79
CA LEU B 97 43.14 2.61 11.56
C LEU B 97 44.03 2.06 12.65
N VAL B 98 43.52 2.04 13.88
CA VAL B 98 44.07 1.18 14.93
C VAL B 98 43.25 -0.10 14.93
N PRO B 99 43.80 -1.23 14.45
CA PRO B 99 42.99 -2.42 14.18
C PRO B 99 42.73 -3.25 15.42
N SER B 100 41.89 -4.26 15.25
CA SER B 100 41.49 -5.11 16.36
C SER B 100 41.58 -6.59 16.04
N ASN B 101 41.39 -7.36 17.09
CA ASN B 101 41.48 -8.80 16.99
C ASN B 101 40.79 -9.38 18.22
N LEU B 102 40.61 -10.69 18.18
CA LEU B 102 39.95 -11.42 19.25
C LEU B 102 40.70 -11.29 20.57
N GLY B 103 42.01 -11.00 20.48
CA GLY B 103 42.80 -10.81 21.68
C GLY B 103 42.30 -9.66 22.52
N LEU B 104 41.61 -8.70 21.90
CA LEU B 104 40.99 -7.62 22.68
C LEU B 104 39.96 -8.18 23.64
N ALA B 105 39.36 -9.31 23.29
CA ALA B 105 38.46 -9.97 24.23
C ALA B 105 39.13 -10.16 25.59
N GLY B 106 40.43 -10.54 25.58
CA GLY B 106 41.14 -10.75 26.82
C GLY B 106 40.95 -9.62 27.81
N PHE B 107 40.86 -8.38 27.30
CA PHE B 107 40.82 -7.21 28.17
C PHE B 107 39.74 -7.31 29.25
N GLU B 108 38.60 -7.96 28.96
CA GLU B 108 37.61 -8.15 30.03
C GLU B 108 38.22 -8.55 31.34
N LYS B 109 38.87 -9.73 31.40
CA LYS B 109 39.53 -10.12 32.65
C LYS B 109 40.43 -9.00 33.14
N THR B 110 41.36 -8.56 32.26
CA THR B 110 42.32 -7.50 32.59
C THR B 110 41.65 -6.30 33.24
N PHE B 111 40.48 -5.90 32.72
CA PHE B 111 39.78 -4.74 33.29
C PHE B 111 39.52 -4.95 34.77
N TYR B 112 38.91 -6.09 35.12
CA TYR B 112 38.60 -6.33 36.52
C TYR B 112 39.88 -6.49 37.34
N ASP B 113 40.97 -6.97 36.72
CA ASP B 113 42.25 -6.99 37.46
C ASP B 113 42.63 -5.58 37.89
N SER B 114 42.48 -4.60 36.99
CA SER B 114 42.68 -3.21 37.38
C SER B 114 41.60 -2.76 38.36
N GLN B 115 40.36 -3.25 38.16
CA GLN B 115 39.29 -3.01 39.14
C GLN B 115 39.69 -3.56 40.50
N ASP B 116 40.46 -4.66 40.50
CA ASP B 116 40.90 -5.26 41.74
C ASP B 116 42.07 -4.50 42.32
N GLU B 117 42.87 -3.89 41.45
CA GLU B 117 44.23 -3.46 41.75
C GLU B 117 44.39 -1.95 41.93
N ASN B 118 43.72 -1.08 41.17
CA ASN B 118 43.86 0.33 41.50
C ASN B 118 42.65 1.18 41.09
N LYS B 119 41.47 0.59 40.92
CA LYS B 119 40.21 1.35 40.72
C LYS B 119 40.34 2.35 39.56
N ARG B 120 41.15 2.01 38.56
CA ARG B 120 41.22 2.74 37.30
C ARG B 120 40.69 1.86 36.20
N GLY B 121 41.36 1.88 35.03
CA GLY B 121 41.07 0.97 33.94
C GLY B 121 39.88 1.31 33.06
N GLU B 122 39.00 2.21 33.49
CA GLU B 122 38.09 2.86 32.55
C GLU B 122 38.85 3.81 31.65
N LEU B 123 39.92 4.41 32.17
CA LEU B 123 40.62 5.46 31.44
C LEU B 123 41.87 4.94 30.76
N MET B 124 41.93 3.62 30.48
CA MET B 124 43.10 3.03 29.82
C MET B 124 43.21 3.47 28.36
N LEU B 125 42.11 3.35 27.62
CA LEU B 125 42.11 3.88 26.27
C LEU B 125 42.49 5.35 26.28
N LYS B 126 41.97 6.10 27.25
CA LYS B 126 42.36 7.50 27.37
C LYS B 126 43.90 7.66 27.41
N ASN B 127 44.55 6.83 28.24
CA ASN B 127 46.00 6.90 28.43
C ASN B 127 46.75 6.47 27.19
N ALA B 128 46.32 5.35 26.61
CA ALA B 128 46.96 4.83 25.42
C ALA B 128 46.82 5.82 24.29
N LEU B 129 45.73 6.55 24.27
CA LEU B 129 45.49 7.55 23.24
C LEU B 129 46.33 8.82 23.42
N GLU B 130 46.70 9.18 24.65
CA GLU B 130 47.41 10.45 24.88
C GLU B 130 48.49 10.83 23.86
N SER B 131 49.15 9.84 23.27
CA SER B 131 50.28 10.08 22.40
C SER B 131 49.91 10.36 20.95
N VAL B 132 48.65 10.21 20.55
CA VAL B 132 48.23 10.50 19.19
C VAL B 132 47.10 11.52 19.14
N VAL B 133 46.74 12.10 20.30
CA VAL B 133 45.57 12.97 20.43
C VAL B 133 45.74 14.37 19.84
N GLY B 134 46.93 14.74 19.42
CA GLY B 134 46.97 16.01 18.73
C GLY B 134 47.30 15.83 17.27
N LEU B 135 47.61 14.58 16.91
CA LEU B 135 48.13 14.19 15.60
C LEU B 135 47.02 13.92 14.59
N TYR B 136 45.78 13.96 15.06
CA TYR B 136 44.59 13.71 14.30
C TYR B 136 43.63 14.87 14.55
N ASP B 137 42.72 15.08 13.59
CA ASP B 137 41.63 16.04 13.81
C ASP B 137 40.47 15.41 14.56
N TYR B 138 40.06 14.23 14.13
CA TYR B 138 38.99 13.48 14.75
C TYR B 138 39.49 12.08 15.02
N ILE B 139 39.20 11.55 16.20
CA ILE B 139 39.49 10.15 16.53
C ILE B 139 38.16 9.47 16.79
N ILE B 140 37.79 8.56 15.90
CA ILE B 140 36.46 7.96 15.81
C ILE B 140 36.57 6.52 16.33
N ILE B 141 35.80 6.19 17.38
CA ILE B 141 35.90 4.90 18.11
C ILE B 141 34.66 4.03 17.88
N ASP B 142 34.81 2.91 17.16
CA ASP B 142 33.77 1.89 16.95
C ASP B 142 33.71 0.99 18.19
N SER B 143 32.63 1.09 18.98
CA SER B 143 32.50 0.39 20.26
C SER B 143 31.75 -0.91 20.11
N PRO B 144 31.95 -1.83 21.05
CA PRO B 144 31.24 -3.09 21.01
C PRO B 144 29.90 -2.95 21.69
N PRO B 145 29.01 -3.91 21.45
CA PRO B 145 27.62 -3.97 21.96
C PRO B 145 27.46 -4.45 23.40
N ALA B 146 27.92 -3.66 24.37
CA ALA B 146 27.70 -3.93 25.78
C ALA B 146 27.78 -2.63 26.56
N LEU B 147 27.54 -2.70 27.84
CA LEU B 147 27.94 -1.63 28.75
C LEU B 147 29.11 -2.10 29.60
N GLY B 148 29.90 -3.02 29.06
CA GLY B 148 30.97 -3.63 29.78
C GLY B 148 32.25 -2.82 29.66
N PRO B 149 33.35 -3.45 30.06
CA PRO B 149 34.66 -2.76 30.08
C PRO B 149 35.06 -2.00 28.80
N LEU B 150 34.97 -2.63 27.63
CA LEU B 150 35.45 -1.95 26.42
C LEU B 150 34.64 -0.69 26.16
N THR B 151 33.30 -0.78 26.19
CA THR B 151 32.49 0.42 26.02
C THR B 151 32.77 1.46 27.10
N ILE B 152 33.08 1.04 28.34
CA ILE B 152 33.34 2.02 29.40
C ILE B 152 34.64 2.77 29.11
N ASN B 153 35.69 2.05 28.70
CA ASN B 153 36.89 2.74 28.22
C ASN B 153 36.53 3.72 27.12
N SER B 154 35.83 3.21 26.09
CA SER B 154 35.51 4.00 24.90
C SER B 154 34.81 5.31 25.24
N LEU B 155 33.87 5.29 26.17
CA LEU B 155 33.27 6.55 26.58
C LEU B 155 34.24 7.39 27.40
N SER B 156 35.07 6.74 28.21
CA SER B 156 35.90 7.49 29.15
C SER B 156 36.99 8.28 28.44
N ALA B 157 37.50 7.78 27.31
CA ALA B 157 38.47 8.54 26.54
C ALA B 157 37.85 9.71 25.82
N ALA B 158 36.56 9.64 25.56
CA ALA B 158 35.89 10.40 24.50
C ALA B 158 35.46 11.79 24.93
N HIS B 159 35.44 12.69 23.97
CA HIS B 159 34.78 13.98 24.19
C HIS B 159 33.29 13.89 24.02
N SER B 160 32.85 13.19 22.99
CA SER B 160 31.43 13.17 22.71
C SER B 160 31.03 11.82 22.13
N VAL B 161 29.75 11.54 22.20
CA VAL B 161 29.22 10.23 21.83
C VAL B 161 28.14 10.35 20.76
N ILE B 162 28.19 9.46 19.79
CA ILE B 162 27.22 9.37 18.72
C ILE B 162 26.51 8.04 18.86
N ILE B 163 25.17 8.08 18.94
CA ILE B 163 24.36 6.92 19.27
C ILE B 163 23.53 6.51 18.05
N PRO B 164 23.95 5.44 17.36
CA PRO B 164 23.16 4.94 16.23
C PRO B 164 21.91 4.25 16.74
N ILE B 165 20.77 4.62 16.17
CA ILE B 165 19.49 4.12 16.63
C ILE B 165 18.82 3.41 15.50
N GLN B 166 18.54 2.13 15.74
CA GLN B 166 17.67 1.30 14.92
C GLN B 166 16.26 1.43 15.51
N CYS B 167 15.36 1.98 14.71
CA CYS B 167 14.06 2.41 15.20
C CYS B 167 13.13 1.20 15.36
N GLU B 168 13.51 0.29 16.23
CA GLU B 168 12.65 -0.82 16.58
C GLU B 168 12.41 -0.75 18.08
N PHE B 169 11.84 -1.81 18.63
CA PHE B 169 11.26 -1.74 19.98
C PHE B 169 12.33 -1.52 21.07
N PHE B 170 13.33 -2.38 21.10
CA PHE B 170 14.32 -2.37 22.16
C PHE B 170 15.16 -1.11 22.18
N ALA B 171 15.09 -0.31 21.13
CA ALA B 171 15.74 0.99 21.20
C ALA B 171 15.14 1.84 22.28
N LEU B 172 14.01 1.43 22.83
CA LEU B 172 13.36 2.24 23.86
C LEU B 172 14.06 2.10 25.22
N GLU B 173 13.94 0.93 25.89
CA GLU B 173 14.67 0.77 27.14
C GLU B 173 16.13 1.03 26.89
N GLY B 174 16.63 0.45 25.80
CA GLY B 174 18.04 0.51 25.50
C GLY B 174 18.57 1.92 25.53
N THR B 175 17.89 2.83 24.84
CA THR B 175 18.40 4.19 24.71
C THR B 175 18.61 4.84 26.06
N LYS B 176 17.53 4.85 26.86
CA LYS B 176 17.54 5.51 28.16
C LYS B 176 18.61 4.91 29.07
N LEU B 177 18.76 3.58 29.02
CA LEU B 177 19.84 2.88 29.74
C LEU B 177 21.24 3.35 29.29
N LEU B 178 21.47 3.46 27.97
CA LEU B 178 22.77 3.94 27.53
C LEU B 178 23.04 5.33 28.11
N LEU B 179 22.02 6.19 28.03
CA LEU B 179 22.12 7.55 28.56
C LEU B 179 22.44 7.54 30.04
N ASN B 180 21.80 6.63 30.77
CA ASN B 180 22.07 6.42 32.17
C ASN B 180 23.56 6.18 32.41
N THR B 181 24.12 5.18 31.74
CA THR B 181 25.55 4.87 31.93
C THR B 181 26.44 6.07 31.58
N ILE B 182 26.07 6.80 30.53
CA ILE B 182 26.78 8.02 30.16
C ILE B 182 26.84 8.96 31.36
N ARG B 183 25.67 9.26 31.96
CA ARG B 183 25.61 10.18 33.11
C ARG B 183 26.51 9.68 34.24
N MET B 184 26.49 8.37 34.49
CA MET B 184 27.32 7.83 35.57
C MET B 184 28.77 8.21 35.40
N LEU B 185 29.33 7.94 34.22
CA LEU B 185 30.73 8.32 33.97
C LEU B 185 30.91 9.84 34.04
N GLN B 186 29.87 10.60 33.64
CA GLN B 186 29.95 12.04 33.63
C GLN B 186 30.05 12.59 35.03
N LYS B 187 29.56 11.84 35.99
CA LYS B 187 29.69 12.26 37.37
C LYS B 187 30.91 11.62 38.01
N SER B 188 31.58 10.70 37.32
CA SER B 188 32.68 9.98 37.94
C SER B 188 34.01 10.20 37.23
N THR B 189 34.19 9.57 36.07
CA THR B 189 35.50 9.45 35.41
C THR B 189 35.72 10.47 34.30
N ASN B 190 34.74 10.67 33.43
CA ASN B 190 34.88 11.56 32.27
C ASN B 190 33.70 12.54 32.27
N PRO B 191 33.75 13.58 33.11
CA PRO B 191 32.61 14.53 33.17
C PRO B 191 32.45 15.39 31.93
N LYS B 192 33.52 15.63 31.16
CA LYS B 192 33.45 16.52 29.99
C LYS B 192 32.55 15.95 28.87
N LEU B 193 32.20 14.65 28.94
CA LEU B 193 31.59 13.93 27.82
C LEU B 193 30.29 14.56 27.38
N LYS B 194 30.21 14.87 26.10
CA LYS B 194 29.04 15.49 25.51
C LYS B 194 28.38 14.47 24.58
N ILE B 195 27.05 14.53 24.48
CA ILE B 195 26.34 13.72 23.47
C ILE B 195 26.43 14.46 22.15
N ARG B 196 27.28 13.96 21.26
CA ARG B 196 27.45 14.59 19.97
C ARG B 196 26.15 14.54 19.17
N GLY B 197 25.36 13.48 19.33
CA GLY B 197 24.05 13.39 18.72
C GLY B 197 23.55 11.97 18.62
N PHE B 198 22.27 11.87 18.25
CA PHE B 198 21.57 10.63 17.96
C PHE B 198 21.47 10.42 16.45
N LEU B 199 21.58 9.17 16.01
CA LEU B 199 21.57 8.88 14.58
C LEU B 199 20.63 7.74 14.23
N PRO B 200 19.43 8.03 13.73
CA PRO B 200 18.55 6.94 13.28
C PRO B 200 19.21 6.21 12.12
N THR B 201 19.27 4.90 12.23
CA THR B 201 19.94 4.10 11.20
C THR B 201 19.03 3.00 10.69
N MET B 202 19.43 2.47 9.54
CA MET B 202 18.65 1.50 8.79
C MET B 202 17.26 2.01 8.55
N HIS B 203 17.12 3.33 8.49
CA HIS B 203 15.83 3.98 8.62
C HIS B 203 14.89 3.65 7.47
N VAL B 204 13.76 3.01 7.76
CA VAL B 204 12.65 2.87 6.80
C VAL B 204 11.50 3.75 7.25
N PRO B 205 11.32 4.93 6.64
CA PRO B 205 10.51 5.99 7.29
C PRO B 205 9.01 5.67 7.32
N GLN B 206 8.54 4.73 6.50
CA GLN B 206 7.12 4.44 6.39
C GLN B 206 6.63 3.28 7.25
N LEU B 207 7.54 2.45 7.77
CA LEU B 207 7.13 1.40 8.71
C LEU B 207 6.46 2.01 9.93
N ASN B 208 5.48 1.31 10.52
CA ASN B 208 4.77 1.95 11.62
C ASN B 208 5.54 1.85 12.92
N LEU B 209 6.21 0.72 13.16
CA LEU B 209 7.04 0.60 14.36
C LEU B 209 8.09 1.70 14.40
N THR B 210 8.67 2.03 13.26
CA THR B 210 9.64 3.11 13.20
C THR B 210 9.01 4.44 13.59
N LYS B 211 7.88 4.78 12.97
CA LYS B 211 7.14 5.98 13.35
C LYS B 211 6.93 6.03 14.85
N GLY B 212 6.53 4.91 15.45
CA GLY B 212 6.24 4.91 16.87
C GLY B 212 7.47 5.13 17.72
N VAL B 213 8.53 4.36 17.44
CA VAL B 213 9.75 4.43 18.25
C VAL B 213 10.42 5.79 18.08
N LEU B 214 10.42 6.32 16.86
CA LEU B 214 10.92 7.68 16.60
C LEU B 214 10.14 8.72 17.38
N ALA B 215 8.81 8.60 17.41
CA ALA B 215 7.97 9.56 18.13
C ALA B 215 8.27 9.53 19.61
N GLU B 216 8.42 8.33 20.17
CA GLU B 216 8.82 8.20 21.57
C GLU B 216 10.14 8.90 21.83
N LEU B 217 11.15 8.56 21.02
CA LEU B 217 12.45 9.17 21.21
C LEU B 217 12.41 10.66 20.97
N PHE B 218 11.57 11.12 20.06
CA PHE B 218 11.45 12.54 19.85
C PHE B 218 10.98 13.22 21.12
N LYS B 219 9.81 12.83 21.63
CA LYS B 219 9.32 13.35 22.91
C LYS B 219 10.45 13.46 23.94
N TYR B 220 11.29 12.42 24.07
CA TYR B 220 12.32 12.48 25.11
C TYR B 220 13.63 13.19 24.75
N PHE B 221 14.02 13.30 23.45
CA PHE B 221 15.36 13.79 23.09
C PHE B 221 15.45 14.43 21.71
N ASP B 222 14.39 15.08 21.22
CA ASP B 222 14.45 15.56 19.86
C ASP B 222 15.66 16.44 19.65
N SER B 223 16.03 17.22 20.66
CA SER B 223 17.10 18.17 20.42
C SER B 223 18.41 17.48 20.13
N GLU B 224 18.52 16.20 20.42
CA GLU B 224 19.76 15.50 20.22
C GLU B 224 19.89 14.83 18.86
N PHE B 225 18.90 14.98 17.97
CA PHE B 225 18.93 14.26 16.71
C PHE B 225 19.66 15.10 15.67
N PHE B 226 20.62 14.49 14.97
CA PHE B 226 21.48 15.24 14.06
C PHE B 226 20.62 15.90 12.98
N ARG B 227 20.70 17.22 12.89
CA ARG B 227 20.01 17.99 11.86
C ARG B 227 21.01 18.49 10.80
N ASP B 228 20.63 18.38 9.52
CA ASP B 228 21.34 19.09 8.46
C ASP B 228 21.27 20.56 8.82
N SER B 229 22.30 21.07 9.49
CA SER B 229 22.25 22.45 9.96
C SER B 229 22.19 23.45 8.82
N ALA B 230 22.58 23.03 7.61
CA ALA B 230 22.31 23.81 6.41
C ALA B 230 20.80 23.98 6.20
N THR B 231 20.05 22.88 6.20
CA THR B 231 18.61 22.96 6.00
C THR B 231 17.78 22.62 7.24
N GLY B 232 18.41 22.43 8.40
CA GLY B 232 17.68 22.07 9.63
C GLY B 232 16.99 20.70 9.68
N GLU B 233 16.83 20.00 8.54
CA GLU B 233 16.16 18.70 8.52
C GLU B 233 16.98 17.62 9.23
N TYR B 234 16.29 16.60 9.70
CA TYR B 234 16.93 15.46 10.37
C TYR B 234 17.93 14.72 9.47
N ILE B 235 18.97 14.17 10.10
CA ILE B 235 19.95 13.33 9.43
C ILE B 235 19.68 11.90 9.84
N MET B 236 19.27 11.09 8.90
CA MET B 236 18.96 9.71 9.21
C MET B 236 19.54 8.86 8.12
N ILE B 237 20.25 7.82 8.51
CA ILE B 237 20.89 6.99 7.51
C ILE B 237 19.84 6.10 6.87
N PRO B 238 19.61 6.24 5.57
CA PRO B 238 18.60 5.43 4.93
C PRO B 238 19.08 4.01 4.84
N LYS B 239 18.14 3.10 4.86
CA LYS B 239 18.43 1.72 4.55
C LYS B 239 18.90 1.62 3.12
N SER B 240 20.09 1.08 2.92
CA SER B 240 20.75 1.08 1.62
C SER B 240 21.50 -0.25 1.56
N VAL B 241 21.10 -1.16 0.66
CA VAL B 241 21.80 -2.45 0.59
C VAL B 241 23.27 -2.18 0.35
N LYS B 242 23.56 -1.15 -0.42
CA LYS B 242 24.95 -0.83 -0.71
C LYS B 242 25.70 -0.40 0.53
N LEU B 243 25.01 0.20 1.49
CA LEU B 243 25.70 0.54 2.72
C LEU B 243 26.26 -0.73 3.37
N ALA B 244 25.56 -1.85 3.15
CA ALA B 244 25.93 -3.15 3.67
C ALA B 244 26.75 -3.97 2.69
N GLU B 245 26.81 -3.56 1.42
CA GLU B 245 27.70 -4.16 0.44
C GLU B 245 29.12 -3.60 0.57
N SER B 246 29.25 -2.30 0.84
CA SER B 246 30.55 -1.63 0.84
C SER B 246 31.68 -2.28 1.66
N PRO B 247 31.47 -2.76 2.91
CA PRO B 247 32.60 -3.29 3.66
C PRO B 247 33.14 -4.56 3.09
N SER B 248 32.33 -5.28 2.33
CA SER B 248 32.80 -6.50 1.70
C SER B 248 33.86 -6.21 0.67
N PHE B 249 33.96 -4.96 0.24
CA PHE B 249 35.04 -4.54 -0.62
C PHE B 249 36.12 -3.82 0.14
N GLY B 250 36.20 -4.03 1.44
CA GLY B 250 37.18 -3.30 2.23
C GLY B 250 37.15 -1.82 1.96
N LYS B 251 35.96 -1.24 1.74
CA LYS B 251 35.81 0.15 1.33
C LYS B 251 34.75 0.83 2.18
N PRO B 252 34.95 2.12 2.50
CA PRO B 252 33.80 2.94 2.90
C PRO B 252 32.79 3.03 1.77
N ILE B 253 31.68 3.72 1.99
CA ILE B 253 30.72 3.78 0.90
C ILE B 253 31.24 4.76 -0.15
N LEU B 254 31.84 5.88 0.26
CA LEU B 254 32.13 6.87 -0.76
C LEU B 254 33.21 6.39 -1.71
N LEU B 255 34.04 5.45 -1.27
CA LEU B 255 34.90 4.78 -2.24
C LEU B 255 34.13 3.68 -2.97
N TYR B 256 32.99 3.26 -2.46
CA TYR B 256 32.28 2.16 -3.11
C TYR B 256 31.23 2.66 -4.08
N ASP B 257 30.38 3.61 -3.65
CA ASP B 257 29.27 4.11 -4.46
C ASP B 257 28.82 5.47 -3.89
N ILE B 258 29.50 6.54 -4.34
CA ILE B 258 29.38 7.85 -3.68
C ILE B 258 28.07 8.53 -4.00
N LYS B 259 27.35 8.06 -5.01
CA LYS B 259 26.11 8.70 -5.39
C LYS B 259 24.92 8.06 -4.66
N SER B 260 25.14 6.97 -3.91
CA SER B 260 24.08 6.32 -3.17
C SER B 260 23.57 7.21 -2.04
N ASN B 261 22.38 6.88 -1.52
CA ASN B 261 21.76 7.70 -0.47
C ASN B 261 22.37 7.45 0.91
N GLY B 262 22.74 6.21 1.23
CA GLY B 262 23.57 5.97 2.40
C GLY B 262 24.77 6.89 2.41
N SER B 263 25.45 6.99 1.27
CA SER B 263 26.64 7.83 1.19
C SER B 263 26.32 9.30 1.40
N ILE B 264 25.35 9.83 0.68
CA ILE B 264 25.02 11.24 0.84
C ILE B 264 24.67 11.51 2.30
N ALA B 265 24.01 10.55 2.93
CA ALA B 265 23.62 10.70 4.32
C ALA B 265 24.83 10.85 5.19
N TYR B 266 25.81 9.95 5.04
CA TYR B 266 26.96 10.00 5.94
C TYR B 266 27.80 11.23 5.69
N GLN B 267 27.81 11.71 4.43
CA GLN B 267 28.49 12.98 4.14
C GLN B 267 27.73 14.15 4.75
N LYS B 268 26.38 14.12 4.74
CA LYS B 268 25.60 15.17 5.39
C LYS B 268 25.86 15.21 6.88
N LEU B 269 25.96 14.02 7.50
CA LEU B 269 26.37 13.90 8.90
C LEU B 269 27.73 14.51 9.13
N ALA B 270 28.69 14.17 8.24
CA ALA B 270 30.05 14.70 8.33
C ALA B 270 30.04 16.22 8.24
N GLN B 271 29.28 16.76 7.28
CA GLN B 271 29.15 18.21 7.21
C GLN B 271 28.63 18.76 8.52
N SER B 272 27.66 18.08 9.11
CA SER B 272 27.03 18.51 10.37
C SER B 272 28.05 18.54 11.52
N ILE B 273 28.84 17.48 11.65
CA ILE B 273 29.87 17.39 12.67
C ILE B 273 30.87 18.53 12.54
N LEU B 274 31.31 18.85 11.31
CA LEU B 274 32.25 19.95 11.10
C LEU B 274 31.57 21.30 11.34
N GLN B 275 30.35 21.49 10.76
CA GLN B 275 29.51 22.70 10.82
C GLN B 275 29.39 23.20 12.24
N GLY B 276 29.86 22.40 13.21
CA GLY B 276 29.84 22.67 14.62
C GLY B 276 29.39 21.48 15.48
N MET C 13 -17.03 -14.90 -46.46
CA MET C 13 -16.75 -14.35 -45.13
C MET C 13 -18.04 -13.97 -44.41
N MET C 14 -18.06 -14.14 -43.09
CA MET C 14 -19.25 -13.83 -42.30
C MET C 14 -18.85 -13.04 -41.06
N SER C 15 -18.91 -11.71 -41.14
CA SER C 15 -18.71 -10.88 -39.94
C SER C 15 -19.75 -11.21 -38.89
N GLU C 16 -19.35 -11.55 -37.68
CA GLU C 16 -20.35 -11.43 -36.65
C GLU C 16 -20.38 -9.98 -36.17
N ILE C 17 -21.57 -9.39 -36.18
CA ILE C 17 -21.77 -8.05 -35.66
C ILE C 17 -22.37 -8.18 -34.25
N ILE C 18 -21.59 -7.71 -33.29
CA ILE C 18 -21.87 -7.84 -31.88
C ILE C 18 -22.02 -6.41 -31.39
N ALA C 19 -23.23 -6.04 -31.00
CA ALA C 19 -23.49 -4.68 -30.55
C ALA C 19 -23.32 -4.65 -29.04
N VAL C 20 -22.35 -3.87 -28.56
CA VAL C 20 -22.22 -3.66 -27.13
C VAL C 20 -23.14 -2.48 -26.89
N ALA C 21 -24.32 -2.80 -26.36
CA ALA C 21 -25.37 -1.84 -26.02
C ALA C 21 -25.94 -2.11 -24.63
N ASN C 22 -26.37 -1.06 -24.00
CA ASN C 22 -27.09 -1.09 -22.74
C ASN C 22 -27.46 0.35 -22.47
N GLN C 23 -28.72 0.65 -22.18
CA GLN C 23 -29.08 2.07 -22.19
C GLN C 23 -28.52 2.80 -20.98
N LYS C 24 -28.10 2.09 -19.94
CA LYS C 24 -27.61 2.71 -18.71
C LYS C 24 -26.20 3.25 -18.91
N GLY C 25 -25.96 4.43 -18.34
CA GLY C 25 -24.66 5.06 -18.42
C GLY C 25 -23.69 4.56 -17.36
N GLY C 26 -22.42 4.61 -17.69
CA GLY C 26 -21.39 4.17 -16.79
C GLY C 26 -21.35 2.69 -16.49
N VAL C 27 -21.78 1.82 -17.42
CA VAL C 27 -21.87 0.39 -17.15
C VAL C 27 -20.84 -0.44 -17.92
N GLY C 28 -19.95 0.17 -18.68
CA GLY C 28 -18.83 -0.54 -19.26
C GLY C 28 -18.91 -0.88 -20.74
N LYS C 29 -19.87 -0.33 -21.47
CA LYS C 29 -19.98 -0.64 -22.89
C LYS C 29 -18.80 -0.10 -23.71
N THR C 30 -18.33 1.10 -23.42
CA THR C 30 -17.15 1.62 -24.12
C THR C 30 -15.88 0.92 -23.63
N THR C 31 -15.77 0.59 -22.35
CA THR C 31 -14.62 -0.17 -21.88
C THR C 31 -14.66 -1.59 -22.46
N THR C 32 -15.86 -2.22 -22.51
CA THR C 32 -16.02 -3.57 -23.05
C THR C 32 -15.78 -3.62 -24.55
N ALA C 33 -16.30 -2.65 -25.30
CA ALA C 33 -16.19 -2.68 -26.75
C ALA C 33 -14.75 -2.54 -27.17
N VAL C 34 -14.13 -1.45 -26.71
CA VAL C 34 -12.74 -1.22 -26.98
C VAL C 34 -11.92 -2.45 -26.62
N ASN C 35 -12.07 -2.96 -25.41
CA ASN C 35 -11.18 -4.00 -24.93
C ASN C 35 -11.52 -5.39 -25.47
N LEU C 36 -12.76 -5.67 -25.88
CA LEU C 36 -12.99 -6.92 -26.58
C LEU C 36 -12.47 -6.84 -28.01
N ALA C 37 -12.66 -5.71 -28.70
CA ALA C 37 -12.04 -5.58 -30.00
C ALA C 37 -10.56 -5.90 -29.87
N ALA C 38 -9.91 -5.36 -28.83
CA ALA C 38 -8.50 -5.65 -28.65
C ALA C 38 -8.29 -7.13 -28.40
N SER C 39 -8.89 -7.65 -27.33
CA SER C 39 -8.58 -9.00 -26.89
C SER C 39 -9.01 -10.07 -27.88
N LEU C 40 -9.90 -9.74 -28.80
CA LEU C 40 -10.23 -10.61 -29.90
C LEU C 40 -9.28 -10.39 -31.05
N ALA C 41 -8.78 -9.16 -31.23
CA ALA C 41 -7.82 -8.92 -32.32
C ALA C 41 -6.54 -9.75 -32.13
N VAL C 42 -6.02 -9.79 -30.89
CA VAL C 42 -4.83 -10.58 -30.59
C VAL C 42 -5.01 -12.05 -30.88
N HIS C 43 -6.22 -12.52 -31.07
CA HIS C 43 -6.45 -13.85 -31.60
C HIS C 43 -6.37 -13.86 -33.09
N GLU C 44 -5.70 -12.84 -33.62
CA GLU C 44 -5.39 -12.75 -35.03
C GLU C 44 -6.63 -12.97 -35.86
N LYS C 45 -7.68 -12.31 -35.42
CA LYS C 45 -8.92 -12.25 -36.17
C LYS C 45 -9.17 -10.77 -36.47
N LYS C 46 -9.69 -10.48 -37.65
CA LYS C 46 -9.78 -9.10 -38.11
C LYS C 46 -11.02 -8.42 -37.52
N ILE C 47 -10.79 -7.35 -36.74
CA ILE C 47 -11.79 -6.70 -35.91
C ILE C 47 -12.02 -5.29 -36.47
N LEU C 48 -13.27 -4.89 -36.63
CA LEU C 48 -13.63 -3.50 -36.87
C LEU C 48 -14.46 -3.04 -35.69
N LEU C 49 -14.09 -1.94 -35.06
CA LEU C 49 -14.86 -1.41 -33.95
C LEU C 49 -15.54 -0.12 -34.41
N ILE C 50 -16.87 -0.12 -34.40
CA ILE C 50 -17.66 1.09 -34.69
C ILE C 50 -17.84 1.87 -33.42
N ASP C 51 -17.58 3.19 -33.47
CA ASP C 51 -17.87 4.08 -32.34
C ASP C 51 -19.17 4.80 -32.66
N PHE C 52 -20.27 4.32 -32.07
CA PHE C 52 -21.59 4.88 -32.30
C PHE C 52 -22.00 5.87 -31.19
N ASP C 53 -21.05 6.38 -30.43
CA ASP C 53 -21.36 7.28 -29.33
C ASP C 53 -20.95 8.67 -29.79
N PRO C 54 -21.89 9.63 -29.83
CA PRO C 54 -21.49 11.01 -30.16
C PRO C 54 -20.49 11.62 -29.17
N GLN C 55 -20.32 11.08 -27.96
CA GLN C 55 -19.18 11.50 -27.15
C GLN C 55 -17.86 11.02 -27.72
N ALA C 56 -17.85 9.95 -28.54
CA ALA C 56 -16.63 9.40 -29.12
C ALA C 56 -15.62 9.04 -28.02
N ASN C 57 -16.12 8.32 -27.00
CA ASN C 57 -15.22 7.88 -25.95
C ASN C 57 -14.36 6.71 -26.42
N ALA C 58 -14.87 5.83 -27.30
CA ALA C 58 -14.05 4.74 -27.81
C ALA C 58 -12.94 5.23 -28.73
N THR C 59 -13.28 6.17 -29.63
CA THR C 59 -12.28 6.82 -30.47
C THR C 59 -11.11 7.31 -29.61
N SER C 60 -11.41 8.10 -28.57
CA SER C 60 -10.34 8.57 -27.68
C SER C 60 -9.72 7.47 -26.81
N SER C 61 -10.45 6.39 -26.52
CA SER C 61 -9.89 5.28 -25.76
C SER C 61 -8.82 4.57 -26.52
N LEU C 62 -8.81 4.74 -27.84
CA LEU C 62 -7.71 4.30 -28.67
C LEU C 62 -6.76 5.43 -29.08
N GLY C 63 -6.72 6.54 -28.35
CA GLY C 63 -5.66 7.51 -28.55
C GLY C 63 -5.88 8.57 -29.61
N PHE C 64 -7.00 8.57 -30.32
CA PHE C 64 -7.27 9.57 -31.34
C PHE C 64 -7.74 10.89 -30.74
N ARG C 65 -7.56 11.96 -31.52
CA ARG C 65 -8.08 13.27 -31.18
C ARG C 65 -9.31 13.41 -32.04
N ARG C 66 -10.48 13.38 -31.41
CA ARG C 66 -11.73 13.67 -32.07
C ARG C 66 -11.61 14.98 -32.84
N ASP C 67 -10.78 15.93 -32.34
CA ASP C 67 -10.55 17.25 -32.99
C ASP C 67 -9.75 17.14 -34.26
N LYS C 68 -8.87 16.15 -34.36
CA LYS C 68 -8.12 15.95 -35.58
C LYS C 68 -8.75 14.85 -36.44
N ILE C 69 -10.05 14.63 -36.25
CA ILE C 69 -10.84 13.62 -36.95
C ILE C 69 -11.64 14.32 -38.03
N ASP C 70 -11.39 13.96 -39.29
CA ASP C 70 -12.02 14.67 -40.42
C ASP C 70 -13.37 14.01 -40.70
N TYR C 71 -13.34 12.82 -41.26
CA TYR C 71 -14.53 12.11 -41.65
C TYR C 71 -14.71 10.88 -40.78
N ASP C 72 -15.95 10.70 -40.36
CA ASP C 72 -16.37 9.72 -39.36
C ASP C 72 -17.68 9.06 -39.81
N ILE C 73 -18.27 8.28 -38.89
CA ILE C 73 -19.37 7.39 -39.24
C ILE C 73 -20.63 8.13 -39.71
N TYR C 74 -20.80 9.39 -39.30
CA TYR C 74 -21.97 10.16 -39.68
C TYR C 74 -22.12 10.15 -41.20
N HIS C 75 -21.07 10.63 -41.90
CA HIS C 75 -21.10 10.77 -43.36
C HIS C 75 -21.30 9.43 -44.07
N VAL C 76 -20.86 8.34 -43.45
CA VAL C 76 -21.19 7.02 -43.98
C VAL C 76 -22.69 6.82 -43.92
N LEU C 77 -23.29 7.09 -42.76
CA LEU C 77 -24.70 6.73 -42.55
C LEU C 77 -25.61 7.42 -43.55
N ILE C 78 -25.38 8.72 -43.74
CA ILE C 78 -26.14 9.50 -44.71
C ILE C 78 -25.67 9.29 -46.14
N GLY C 79 -24.66 8.44 -46.33
CA GLY C 79 -24.17 8.12 -47.64
C GLY C 79 -23.12 9.05 -48.19
N ARG C 80 -22.82 10.18 -47.53
CA ARG C 80 -21.76 11.09 -47.99
C ARG C 80 -20.39 10.41 -48.12
N LYS C 81 -20.16 9.28 -47.45
CA LYS C 81 -18.89 8.57 -47.50
C LYS C 81 -19.16 7.08 -47.48
N GLN C 82 -18.24 6.30 -48.05
CA GLN C 82 -18.30 4.85 -47.89
C GLN C 82 -17.70 4.51 -46.53
N ILE C 83 -18.21 3.46 -45.91
CA ILE C 83 -17.61 3.07 -44.63
C ILE C 83 -16.14 2.72 -44.84
N SER C 84 -15.78 2.13 -46.00
CA SER C 84 -14.39 1.84 -46.32
C SER C 84 -13.61 3.10 -46.52
N GLN C 85 -14.28 4.25 -46.65
CA GLN C 85 -13.60 5.54 -46.72
C GLN C 85 -13.14 5.99 -45.33
N VAL C 86 -13.96 5.75 -44.30
CA VAL C 86 -13.69 6.34 -42.98
C VAL C 86 -12.82 5.48 -42.07
N ILE C 87 -12.75 4.18 -42.30
CA ILE C 87 -12.06 3.29 -41.38
C ILE C 87 -10.66 3.77 -41.15
N LEU C 88 -10.24 3.77 -39.90
CA LEU C 88 -8.87 4.08 -39.55
C LEU C 88 -8.23 2.83 -39.03
N LYS C 89 -6.92 2.81 -39.05
CA LYS C 89 -6.18 1.66 -38.57
C LYS C 89 -5.67 1.99 -37.19
N THR C 90 -5.54 0.99 -36.33
CA THR C 90 -5.21 1.28 -34.96
C THR C 90 -3.83 0.75 -34.65
N GLN C 91 -3.35 1.10 -33.48
CA GLN C 91 -2.09 0.54 -32.97
C GLN C 91 -2.09 -0.98 -32.97
N MET C 92 -3.20 -1.59 -33.09
CA MET C 92 -3.26 -3.03 -33.27
C MET C 92 -3.59 -3.35 -34.69
N PRO C 93 -2.79 -4.23 -35.30
CA PRO C 93 -2.93 -4.43 -36.74
C PRO C 93 -4.27 -5.03 -37.08
N PHE C 94 -4.78 -5.86 -36.17
CA PHE C 94 -6.00 -6.58 -36.47
C PHE C 94 -7.24 -5.81 -36.06
N LEU C 95 -7.08 -4.71 -35.34
CA LEU C 95 -8.17 -3.86 -34.91
C LEU C 95 -8.16 -2.60 -35.77
N ASP C 96 -9.25 -2.35 -36.48
CA ASP C 96 -9.44 -1.13 -37.23
C ASP C 96 -10.66 -0.44 -36.65
N LEU C 97 -10.71 0.89 -36.74
CA LEU C 97 -11.71 1.67 -36.02
C LEU C 97 -12.49 2.55 -36.99
N VAL C 98 -13.82 2.47 -36.95
CA VAL C 98 -14.67 3.52 -37.53
C VAL C 98 -14.93 4.55 -36.43
N PRO C 99 -14.29 5.72 -36.48
CA PRO C 99 -14.35 6.65 -35.35
C PRO C 99 -15.67 7.40 -35.33
N SER C 100 -15.82 8.19 -34.27
CA SER C 100 -17.04 8.95 -34.05
C SER C 100 -16.66 10.38 -33.76
N ASN C 101 -17.69 11.20 -33.66
CA ASN C 101 -17.54 12.63 -33.44
C ASN C 101 -18.87 13.21 -32.96
N LEU C 102 -18.81 14.46 -32.51
CA LEU C 102 -20.04 15.09 -32.03
C LEU C 102 -21.08 15.20 -33.12
N GLY C 103 -20.67 15.16 -34.40
CA GLY C 103 -21.62 15.26 -35.51
C GLY C 103 -22.63 14.15 -35.53
N LEU C 104 -22.30 13.01 -34.92
CA LEU C 104 -23.22 11.89 -34.84
C LEU C 104 -24.51 12.26 -34.09
N ALA C 105 -24.44 13.26 -33.19
CA ALA C 105 -25.65 13.74 -32.54
C ALA C 105 -26.70 14.15 -33.56
N GLY C 106 -26.27 14.79 -34.65
CA GLY C 106 -27.20 15.14 -35.69
C GLY C 106 -28.07 13.97 -36.09
N PHE C 107 -27.52 12.75 -36.04
CA PHE C 107 -28.26 11.58 -36.48
C PHE C 107 -29.60 11.46 -35.82
N GLU C 108 -29.71 11.83 -34.54
CA GLU C 108 -31.04 11.81 -33.94
C GLU C 108 -32.09 12.42 -34.85
N LYS C 109 -31.95 13.73 -35.13
CA LYS C 109 -32.88 14.39 -36.01
C LYS C 109 -33.02 13.61 -37.32
N THR C 110 -31.89 13.30 -37.98
CA THR C 110 -31.94 12.58 -39.25
C THR C 110 -32.89 11.38 -39.15
N PHE C 111 -32.77 10.61 -38.07
CA PHE C 111 -33.52 9.36 -37.93
C PHE C 111 -35.01 9.58 -38.08
N TYR C 112 -35.56 10.53 -37.30
CA TYR C 112 -37.00 10.73 -37.27
C TYR C 112 -37.56 11.22 -38.60
N ASP C 113 -36.74 11.92 -39.40
CA ASP C 113 -37.21 12.33 -40.73
C ASP C 113 -37.63 11.12 -41.56
N SER C 114 -36.83 10.04 -41.53
CA SER C 114 -37.23 8.86 -42.25
C SER C 114 -38.47 8.24 -41.59
N GLN C 115 -38.53 8.29 -40.24
CA GLN C 115 -39.70 7.80 -39.51
C GLN C 115 -40.98 8.50 -39.97
N ASP C 116 -40.85 9.75 -40.46
CA ASP C 116 -42.04 10.47 -40.89
C ASP C 116 -42.47 10.06 -42.29
N GLU C 117 -41.56 9.60 -43.14
CA GLU C 117 -41.90 9.38 -44.54
C GLU C 117 -42.00 7.92 -44.94
N ASN C 118 -41.13 7.06 -44.43
CA ASN C 118 -41.18 5.67 -44.87
C ASN C 118 -40.81 4.65 -43.81
N LYS C 119 -40.72 5.03 -42.52
CA LYS C 119 -40.56 4.10 -41.39
C LYS C 119 -39.35 3.16 -41.55
N ARG C 120 -38.27 3.65 -42.15
CA ARG C 120 -36.98 2.98 -42.28
C ARG C 120 -36.06 3.65 -41.26
N GLY C 121 -34.78 3.78 -41.58
CA GLY C 121 -33.92 4.54 -40.68
C GLY C 121 -33.54 3.86 -39.37
N GLU C 122 -34.21 2.75 -39.00
CA GLU C 122 -33.68 1.83 -38.00
C GLU C 122 -32.47 1.08 -38.54
N LEU C 123 -32.45 0.86 -39.86
CA LEU C 123 -31.47 0.02 -40.54
C LEU C 123 -30.36 0.80 -41.25
N MET C 124 -30.09 2.05 -40.85
CA MET C 124 -29.04 2.80 -41.53
C MET C 124 -27.67 2.22 -41.23
N LEU C 125 -27.36 1.93 -39.97
CA LEU C 125 -26.11 1.23 -39.70
C LEU C 125 -26.06 -0.12 -40.42
N LYS C 126 -27.21 -0.80 -40.53
CA LYS C 126 -27.28 -2.06 -41.31
C LYS C 126 -26.75 -1.85 -42.72
N ASN C 127 -27.25 -0.83 -43.42
CA ASN C 127 -26.78 -0.56 -44.79
C ASN C 127 -25.35 -0.09 -44.81
N ALA C 128 -24.96 0.77 -43.87
CA ALA C 128 -23.60 1.29 -43.85
C ALA C 128 -22.57 0.17 -43.67
N LEU C 129 -22.92 -0.85 -42.85
CA LEU C 129 -22.02 -1.97 -42.65
C LEU C 129 -22.01 -2.94 -43.81
N GLU C 130 -23.14 -3.09 -44.53
CA GLU C 130 -23.24 -4.05 -45.63
C GLU C 130 -22.01 -4.11 -46.54
N SER C 131 -21.29 -3.00 -46.70
CA SER C 131 -20.15 -2.99 -47.61
C SER C 131 -18.84 -3.49 -46.99
N VAL C 132 -18.77 -3.77 -45.69
CA VAL C 132 -17.54 -4.31 -45.08
C VAL C 132 -17.81 -5.57 -44.24
N VAL C 133 -19.03 -6.11 -44.34
CA VAL C 133 -19.40 -7.27 -43.53
C VAL C 133 -18.68 -8.53 -43.97
N GLY C 134 -17.92 -8.47 -45.05
CA GLY C 134 -17.10 -9.58 -45.47
C GLY C 134 -15.64 -9.27 -45.31
N LEU C 135 -15.28 -8.05 -44.91
CA LEU C 135 -13.86 -7.68 -44.77
C LEU C 135 -13.33 -7.86 -43.36
N TYR C 136 -14.22 -8.11 -42.41
CA TYR C 136 -13.88 -8.24 -41.01
C TYR C 136 -14.49 -9.53 -40.49
N ASP C 137 -13.88 -10.10 -39.45
CA ASP C 137 -14.45 -11.28 -38.79
C ASP C 137 -15.55 -10.87 -37.82
N TYR C 138 -15.23 -9.86 -37.03
CA TYR C 138 -16.09 -9.30 -36.03
C TYR C 138 -16.15 -7.79 -36.25
N ILE C 139 -17.37 -7.27 -36.22
CA ILE C 139 -17.63 -5.84 -36.20
C ILE C 139 -18.41 -5.58 -34.91
N ILE C 140 -17.80 -4.81 -34.03
CA ILE C 140 -18.24 -4.59 -32.67
C ILE C 140 -18.77 -3.17 -32.61
N ILE C 141 -20.02 -2.98 -32.21
CA ILE C 141 -20.60 -1.65 -32.27
C ILE C 141 -20.74 -1.11 -30.85
N ASP C 142 -19.95 -0.08 -30.50
CA ASP C 142 -20.04 0.56 -29.18
C ASP C 142 -21.24 1.50 -29.24
N SER C 143 -22.21 1.25 -28.40
CA SER C 143 -23.45 2.01 -28.50
C SER C 143 -23.44 3.16 -27.49
N PRO C 144 -24.26 4.20 -27.73
CA PRO C 144 -24.37 5.33 -26.77
C PRO C 144 -25.40 5.02 -25.68
N PRO C 145 -25.42 5.79 -24.60
CA PRO C 145 -26.27 5.44 -23.43
C PRO C 145 -27.76 5.82 -23.55
N ALA C 146 -28.46 5.19 -24.49
CA ALA C 146 -29.85 5.51 -24.76
C ALA C 146 -30.56 4.28 -25.27
N LEU C 147 -31.86 4.40 -25.44
CA LEU C 147 -32.59 3.45 -26.28
C LEU C 147 -33.14 4.19 -27.48
N GLY C 148 -32.43 5.25 -27.89
CA GLY C 148 -32.86 6.13 -28.96
C GLY C 148 -32.43 5.67 -30.34
N PRO C 149 -32.55 6.58 -31.33
CA PRO C 149 -32.25 6.22 -32.73
C PRO C 149 -30.94 5.47 -32.96
N LEU C 150 -29.84 5.98 -32.38
CA LEU C 150 -28.51 5.41 -32.57
C LEU C 150 -28.42 3.97 -32.05
N THR C 151 -28.90 3.74 -30.82
CA THR C 151 -28.88 2.42 -30.22
C THR C 151 -29.68 1.42 -31.04
N ILE C 152 -30.76 1.90 -31.65
CA ILE C 152 -31.63 1.06 -32.47
C ILE C 152 -30.93 0.65 -33.77
N ASN C 153 -30.22 1.59 -34.41
CA ASN C 153 -29.32 1.18 -35.48
C ASN C 153 -28.37 0.10 -35.02
N SER C 154 -27.67 0.37 -33.91
CA SER C 154 -26.71 -0.57 -33.39
C SER C 154 -27.32 -1.95 -33.26
N LEU C 155 -28.52 -2.06 -32.72
CA LEU C 155 -29.09 -3.39 -32.61
C LEU C 155 -29.55 -3.96 -33.96
N SER C 156 -30.06 -3.11 -34.86
CA SER C 156 -30.66 -3.63 -36.09
C SER C 156 -29.62 -4.23 -37.02
N ALA C 157 -28.41 -3.66 -37.03
CA ALA C 157 -27.33 -4.19 -37.83
C ALA C 157 -26.80 -5.49 -37.26
N ALA C 158 -27.04 -5.72 -35.97
CA ALA C 158 -26.25 -6.66 -35.20
C ALA C 158 -26.76 -8.09 -35.33
N HIS C 159 -25.80 -9.02 -35.26
CA HIS C 159 -26.12 -10.43 -35.07
C HIS C 159 -26.47 -10.74 -33.62
N SER C 160 -25.74 -10.17 -32.69
CA SER C 160 -25.97 -10.42 -31.28
C SER C 160 -25.60 -9.16 -30.52
N VAL C 161 -25.95 -9.14 -29.24
CA VAL C 161 -25.69 -7.99 -28.37
C VAL C 161 -24.90 -8.47 -27.15
N ILE C 162 -23.94 -7.67 -26.70
CA ILE C 162 -23.24 -7.97 -25.45
C ILE C 162 -23.69 -6.93 -24.45
N ILE C 163 -24.17 -7.38 -23.29
CA ILE C 163 -24.85 -6.55 -22.31
C ILE C 163 -23.99 -6.44 -21.07
N PRO C 164 -23.30 -5.31 -20.92
CA PRO C 164 -22.48 -5.03 -19.72
C PRO C 164 -23.36 -4.64 -18.53
N ILE C 165 -23.23 -5.38 -17.42
CA ILE C 165 -24.12 -5.16 -16.28
C ILE C 165 -23.30 -4.81 -15.05
N GLN C 166 -23.48 -3.59 -14.57
CA GLN C 166 -22.91 -3.18 -13.31
C GLN C 166 -23.90 -3.57 -12.23
N CYS C 167 -23.50 -4.46 -11.33
CA CYS C 167 -24.45 -5.01 -10.37
C CYS C 167 -24.80 -4.02 -9.28
N GLU C 168 -25.46 -2.97 -9.69
CA GLU C 168 -26.09 -2.08 -8.75
C GLU C 168 -27.58 -2.02 -9.07
N PHE C 169 -28.30 -1.19 -8.32
CA PHE C 169 -29.73 -1.37 -8.18
C PHE C 169 -30.49 -1.19 -9.50
N PHE C 170 -30.22 -0.10 -10.21
CA PHE C 170 -31.01 0.26 -11.35
C PHE C 170 -30.89 -0.74 -12.50
N ALA C 171 -29.77 -1.47 -12.55
CA ALA C 171 -29.56 -2.49 -13.55
C ALA C 171 -30.55 -3.62 -13.42
N LEU C 172 -31.36 -3.56 -12.37
CA LEU C 172 -32.48 -4.50 -12.22
C LEU C 172 -33.54 -4.00 -13.20
N GLU C 173 -34.19 -2.89 -12.86
CA GLU C 173 -35.24 -2.34 -13.70
C GLU C 173 -34.77 -2.20 -15.15
N GLY C 174 -33.57 -1.63 -15.31
CA GLY C 174 -33.06 -1.34 -16.64
C GLY C 174 -33.10 -2.52 -17.57
N THR C 175 -32.58 -3.68 -17.11
CA THR C 175 -32.30 -4.77 -18.06
C THR C 175 -33.56 -5.18 -18.82
N LYS C 176 -34.66 -5.43 -18.07
CA LYS C 176 -35.90 -5.88 -18.69
C LYS C 176 -36.36 -4.91 -19.76
N LEU C 177 -36.33 -3.62 -19.45
CA LEU C 177 -36.69 -2.66 -20.47
C LEU C 177 -35.85 -2.88 -21.72
N LEU C 178 -34.51 -2.96 -21.57
CA LEU C 178 -33.65 -3.21 -22.73
C LEU C 178 -34.09 -4.47 -23.47
N LEU C 179 -34.29 -5.57 -22.74
CA LEU C 179 -34.69 -6.81 -23.40
C LEU C 179 -35.98 -6.61 -24.13
N ASN C 180 -36.88 -5.83 -23.52
CA ASN C 180 -38.12 -5.45 -24.15
C ASN C 180 -37.88 -4.86 -25.53
N THR C 181 -37.02 -3.84 -25.59
CA THR C 181 -36.68 -3.25 -26.89
C THR C 181 -36.13 -4.31 -27.83
N ILE C 182 -35.29 -5.20 -27.29
CA ILE C 182 -34.76 -6.30 -28.10
C ILE C 182 -35.88 -7.03 -28.79
N ARG C 183 -36.82 -7.56 -27.98
CA ARG C 183 -37.90 -8.39 -28.53
C ARG C 183 -38.69 -7.62 -29.55
N MET C 184 -38.89 -6.32 -29.28
CA MET C 184 -39.62 -5.48 -30.21
C MET C 184 -38.90 -5.46 -31.56
N LEU C 185 -37.59 -5.15 -31.54
CA LEU C 185 -36.80 -5.29 -32.75
C LEU C 185 -36.75 -6.73 -33.21
N GLN C 186 -36.77 -7.71 -32.29
CA GLN C 186 -36.78 -9.09 -32.76
C GLN C 186 -38.06 -9.42 -33.50
N LYS C 187 -39.15 -8.68 -33.27
CA LYS C 187 -40.37 -8.85 -34.08
C LYS C 187 -40.52 -7.83 -35.21
N SER C 188 -39.66 -6.80 -35.29
CA SER C 188 -39.89 -5.68 -36.21
C SER C 188 -38.85 -5.64 -37.32
N THR C 189 -37.61 -5.26 -37.00
CA THR C 189 -36.57 -5.03 -37.99
C THR C 189 -35.50 -6.12 -38.05
N ASN C 190 -35.09 -6.72 -36.93
CA ASN C 190 -33.92 -7.62 -36.92
C ASN C 190 -34.26 -9.00 -36.36
N PRO C 191 -34.69 -9.93 -37.21
CA PRO C 191 -35.19 -11.21 -36.68
C PRO C 191 -34.09 -12.08 -36.10
N LYS C 192 -32.92 -12.03 -36.72
CA LYS C 192 -31.80 -12.88 -36.36
C LYS C 192 -31.19 -12.51 -35.01
N LEU C 193 -31.54 -11.34 -34.43
CA LEU C 193 -30.82 -10.76 -33.30
C LEU C 193 -30.82 -11.65 -32.08
N LYS C 194 -29.64 -12.03 -31.62
CA LYS C 194 -29.46 -12.88 -30.44
C LYS C 194 -28.77 -12.07 -29.35
N ILE C 195 -29.03 -12.43 -28.10
CA ILE C 195 -28.25 -11.89 -27.00
C ILE C 195 -27.02 -12.78 -26.87
N ARG C 196 -25.86 -12.25 -27.27
CA ARG C 196 -24.60 -13.00 -27.14
C ARG C 196 -24.28 -13.31 -25.69
N GLY C 197 -24.73 -12.48 -24.75
CA GLY C 197 -24.59 -12.77 -23.35
C GLY C 197 -24.67 -11.52 -22.52
N PHE C 198 -24.78 -11.74 -21.21
CA PHE C 198 -24.73 -10.69 -20.23
C PHE C 198 -23.32 -10.73 -19.64
N LEU C 199 -22.78 -9.56 -19.34
CA LEU C 199 -21.38 -9.40 -18.91
C LEU C 199 -21.34 -8.53 -17.67
N PRO C 200 -21.13 -9.11 -16.51
CA PRO C 200 -20.97 -8.30 -15.31
C PRO C 200 -19.74 -7.43 -15.43
N THR C 201 -19.87 -6.15 -15.10
CA THR C 201 -18.72 -5.26 -15.23
C THR C 201 -18.53 -4.49 -13.93
N MET C 202 -17.31 -3.97 -13.76
CA MET C 202 -16.93 -3.33 -12.51
C MET C 202 -17.12 -4.24 -11.30
N HIS C 203 -16.92 -5.54 -11.48
CA HIS C 203 -17.40 -6.46 -10.46
C HIS C 203 -16.65 -6.31 -9.14
N VAL C 204 -17.40 -6.09 -8.06
CA VAL C 204 -16.90 -6.31 -6.70
C VAL C 204 -17.64 -7.46 -6.06
N PRO C 205 -17.11 -8.68 -6.02
CA PRO C 205 -17.96 -9.82 -5.64
C PRO C 205 -18.33 -9.85 -4.18
N GLN C 206 -17.62 -9.15 -3.29
CA GLN C 206 -17.84 -9.34 -1.85
C GLN C 206 -18.79 -8.33 -1.25
N LEU C 207 -19.12 -7.27 -1.96
CA LEU C 207 -20.19 -6.39 -1.56
C LEU C 207 -21.52 -7.12 -1.53
N ASN C 208 -22.38 -6.69 -0.63
CA ASN C 208 -23.65 -7.38 -0.50
C ASN C 208 -24.64 -6.91 -1.53
N LEU C 209 -24.62 -5.63 -1.89
CA LEU C 209 -25.51 -5.21 -2.98
C LEU C 209 -25.23 -6.01 -4.24
N THR C 210 -23.96 -6.30 -4.51
CA THR C 210 -23.62 -7.06 -5.71
C THR C 210 -24.13 -8.46 -5.61
N LYS C 211 -23.90 -9.12 -4.46
CA LYS C 211 -24.50 -10.44 -4.28
C LYS C 211 -25.99 -10.41 -4.62
N GLY C 212 -26.73 -9.44 -4.09
CA GLY C 212 -28.17 -9.41 -4.31
C GLY C 212 -28.59 -9.17 -5.75
N VAL C 213 -28.04 -8.13 -6.37
CA VAL C 213 -28.43 -7.77 -7.73
C VAL C 213 -27.99 -8.84 -8.74
N LEU C 214 -26.82 -9.45 -8.54
CA LEU C 214 -26.44 -10.60 -9.35
C LEU C 214 -27.44 -11.72 -9.18
N ALA C 215 -27.84 -12.01 -7.94
CA ALA C 215 -28.77 -13.09 -7.68
C ALA C 215 -30.07 -12.88 -8.43
N GLU C 216 -30.56 -11.63 -8.43
CA GLU C 216 -31.77 -11.29 -9.19
C GLU C 216 -31.61 -11.59 -10.68
N LEU C 217 -30.52 -11.10 -11.27
CA LEU C 217 -30.31 -11.34 -12.70
C LEU C 217 -30.12 -12.82 -13.00
N PHE C 218 -29.48 -13.56 -12.09
CA PHE C 218 -29.39 -15.01 -12.21
C PHE C 218 -30.78 -15.60 -12.36
N LYS C 219 -31.64 -15.31 -11.40
CA LYS C 219 -33.04 -15.72 -11.42
C LYS C 219 -33.68 -15.63 -12.81
N TYR C 220 -33.62 -14.44 -13.42
CA TYR C 220 -34.29 -14.23 -14.71
C TYR C 220 -33.45 -14.57 -15.94
N PHE C 221 -32.14 -14.66 -15.84
CA PHE C 221 -31.34 -14.77 -17.05
C PHE C 221 -30.01 -15.53 -16.85
N ASP C 222 -29.94 -16.53 -15.98
CA ASP C 222 -28.62 -17.17 -15.74
C ASP C 222 -28.08 -17.77 -17.02
N SER C 223 -28.98 -18.19 -17.88
CA SER C 223 -28.60 -18.81 -19.13
C SER C 223 -27.88 -17.84 -20.07
N GLU C 224 -28.00 -16.54 -19.83
CA GLU C 224 -27.38 -15.52 -20.65
C GLU C 224 -26.07 -15.02 -20.10
N PHE C 225 -25.62 -15.54 -18.97
CA PHE C 225 -24.43 -15.00 -18.33
C PHE C 225 -23.19 -15.70 -18.83
N PHE C 226 -22.20 -14.91 -19.26
CA PHE C 226 -21.00 -15.47 -19.88
C PHE C 226 -20.23 -16.37 -18.93
N ARG C 227 -20.05 -17.63 -19.34
CA ARG C 227 -19.24 -18.62 -18.65
C ARG C 227 -18.05 -18.92 -19.55
N ASP C 228 -16.84 -18.86 -19.00
CA ASP C 228 -15.75 -19.46 -19.77
C ASP C 228 -16.02 -20.96 -19.80
N SER C 229 -16.63 -21.42 -20.91
CA SER C 229 -17.07 -22.80 -21.03
C SER C 229 -15.89 -23.78 -20.95
N ALA C 230 -14.64 -23.29 -21.01
CA ALA C 230 -13.45 -24.10 -20.69
C ALA C 230 -13.50 -24.60 -19.24
N THR C 231 -13.70 -23.71 -18.25
CA THR C 231 -13.92 -24.16 -16.87
C THR C 231 -15.34 -23.85 -16.40
N GLY C 232 -16.20 -23.38 -17.27
CA GLY C 232 -17.55 -23.06 -16.86
C GLY C 232 -17.73 -21.93 -15.87
N GLU C 233 -16.70 -21.44 -15.21
CA GLU C 233 -16.93 -20.41 -14.22
C GLU C 233 -17.40 -19.12 -14.90
N TYR C 234 -18.24 -18.34 -14.22
CA TYR C 234 -18.76 -17.10 -14.80
C TYR C 234 -17.62 -16.12 -15.15
N ILE C 235 -17.76 -15.38 -16.25
CA ILE C 235 -16.76 -14.38 -16.64
C ILE C 235 -17.30 -13.02 -16.30
N MET C 236 -16.64 -12.37 -15.34
CA MET C 236 -17.07 -11.08 -14.82
C MET C 236 -15.86 -10.17 -14.75
N ILE C 237 -16.01 -8.96 -15.27
CA ILE C 237 -14.91 -8.01 -15.39
C ILE C 237 -14.70 -7.33 -14.03
N PRO C 238 -13.54 -7.48 -13.39
CA PRO C 238 -13.34 -6.91 -12.06
C PRO C 238 -13.15 -5.41 -12.09
N LYS C 239 -13.60 -4.76 -11.04
CA LYS C 239 -13.29 -3.36 -10.94
C LYS C 239 -11.79 -3.26 -10.87
N SER C 240 -11.22 -2.47 -11.76
CA SER C 240 -9.78 -2.41 -11.94
C SER C 240 -9.46 -0.97 -12.29
N VAL C 241 -8.79 -0.27 -11.39
CA VAL C 241 -8.40 1.10 -11.72
C VAL C 241 -7.60 1.13 -13.02
N LYS C 242 -6.81 0.07 -13.26
CA LYS C 242 -5.93 -0.05 -14.42
C LYS C 242 -6.76 -0.04 -15.70
N LEU C 243 -7.98 -0.61 -15.63
CA LEU C 243 -8.95 -0.62 -16.72
C LEU C 243 -9.42 0.76 -17.08
N ALA C 244 -9.41 1.66 -16.13
CA ALA C 244 -9.81 3.03 -16.34
C ALA C 244 -8.67 3.96 -16.62
N GLU C 245 -7.43 3.52 -16.38
CA GLU C 245 -6.22 4.23 -16.79
C GLU C 245 -5.93 3.99 -18.26
N SER C 246 -6.13 2.75 -18.72
CA SER C 246 -5.71 2.39 -20.08
C SER C 246 -6.15 3.35 -21.18
N PRO C 247 -7.38 3.88 -21.25
CA PRO C 247 -7.72 4.78 -22.37
C PRO C 247 -6.96 6.09 -22.30
N SER C 248 -6.51 6.45 -21.10
CA SER C 248 -5.78 7.69 -20.96
C SER C 248 -4.47 7.61 -21.68
N PHE C 249 -3.96 6.40 -21.89
CA PHE C 249 -2.73 6.24 -22.62
C PHE C 249 -3.00 5.83 -24.08
N GLY C 250 -4.17 6.16 -24.60
CA GLY C 250 -4.55 5.78 -25.96
C GLY C 250 -4.36 4.30 -26.22
N LYS C 251 -4.58 3.48 -25.21
CA LYS C 251 -4.27 2.07 -25.30
C LYS C 251 -5.41 1.24 -24.75
N PRO C 252 -5.60 0.05 -25.31
CA PRO C 252 -6.35 -0.97 -24.59
C PRO C 252 -5.62 -1.40 -23.34
N ILE C 253 -6.24 -2.32 -22.60
CA ILE C 253 -5.59 -2.89 -21.42
C ILE C 253 -4.46 -3.79 -21.88
N LEU C 254 -4.64 -4.39 -23.07
CA LEU C 254 -3.71 -5.38 -23.54
C LEU C 254 -2.35 -4.79 -23.76
N LEU C 255 -2.32 -3.57 -24.31
CA LEU C 255 -1.11 -2.81 -24.56
C LEU C 255 -0.65 -2.03 -23.34
N TYR C 256 -1.55 -1.77 -22.41
CA TYR C 256 -1.29 -0.99 -21.22
C TYR C 256 -0.84 -1.86 -20.05
N ASP C 257 -1.41 -3.05 -19.89
CA ASP C 257 -1.00 -3.92 -18.78
C ASP C 257 -1.53 -5.33 -18.97
N ILE C 258 -0.85 -6.20 -19.70
CA ILE C 258 -1.55 -7.42 -20.10
C ILE C 258 -1.76 -8.39 -18.95
N LYS C 259 -1.08 -8.19 -17.82
CA LYS C 259 -1.12 -9.09 -16.68
C LYS C 259 -2.12 -8.66 -15.58
N SER C 260 -2.71 -7.46 -15.66
CA SER C 260 -3.77 -7.06 -14.74
C SER C 260 -5.07 -7.80 -15.05
N ASN C 261 -5.93 -7.84 -14.05
CA ASN C 261 -7.10 -8.70 -14.12
C ASN C 261 -8.16 -8.18 -15.07
N GLY C 262 -8.27 -6.85 -15.23
CA GLY C 262 -9.08 -6.35 -16.32
C GLY C 262 -8.75 -7.05 -17.62
N SER C 263 -7.46 -7.11 -17.94
CA SER C 263 -7.06 -7.72 -19.19
C SER C 263 -7.36 -9.22 -19.18
N ILE C 264 -7.09 -9.90 -18.05
CA ILE C 264 -7.32 -11.34 -17.96
C ILE C 264 -8.78 -11.65 -18.29
N ALA C 265 -9.69 -10.86 -17.70
CA ALA C 265 -11.13 -11.07 -17.86
C ALA C 265 -11.59 -10.81 -19.30
N TYR C 266 -11.11 -9.74 -19.92
CA TYR C 266 -11.51 -9.44 -21.30
C TYR C 266 -10.90 -10.42 -22.32
N GLN C 267 -9.71 -10.96 -22.06
CA GLN C 267 -9.21 -12.04 -22.91
C GLN C 267 -10.00 -13.33 -22.69
N LYS C 268 -10.39 -13.62 -21.44
CA LYS C 268 -11.22 -14.81 -21.16
C LYS C 268 -12.53 -14.70 -21.91
N LEU C 269 -13.10 -13.50 -21.90
CA LEU C 269 -14.32 -13.20 -22.64
C LEU C 269 -14.14 -13.45 -24.13
N ALA C 270 -13.03 -12.98 -24.69
CA ALA C 270 -12.74 -13.23 -26.11
C ALA C 270 -12.67 -14.72 -26.37
N GLN C 271 -12.01 -15.46 -25.48
CA GLN C 271 -11.96 -16.92 -25.62
C GLN C 271 -13.34 -17.51 -25.68
N SER C 272 -14.20 -17.06 -24.78
CA SER C 272 -15.55 -17.58 -24.72
C SER C 272 -16.34 -17.24 -25.98
N ILE C 273 -16.23 -16.00 -26.47
CA ILE C 273 -16.87 -15.60 -27.71
C ILE C 273 -16.44 -16.52 -28.85
N LEU C 274 -15.14 -16.87 -28.87
CA LEU C 274 -14.56 -17.69 -29.93
C LEU C 274 -15.01 -19.15 -29.88
N GLN C 275 -14.97 -19.79 -28.70
CA GLN C 275 -15.30 -21.21 -28.55
C GLN C 275 -16.64 -21.56 -29.22
N GLY C 276 -17.41 -20.53 -29.58
CA GLY C 276 -18.70 -20.68 -30.25
C GLY C 276 -19.69 -19.73 -29.63
N MET D 13 -42.23 33.94 -2.86
CA MET D 13 -41.46 32.73 -3.08
C MET D 13 -41.14 32.58 -4.54
N MET D 14 -39.88 32.19 -4.80
CA MET D 14 -39.35 31.95 -6.15
C MET D 14 -38.40 30.76 -6.02
N SER D 15 -38.82 29.58 -6.49
CA SER D 15 -37.95 28.41 -6.53
C SER D 15 -36.66 28.69 -7.28
N GLU D 16 -35.52 28.38 -6.67
CA GLU D 16 -34.36 28.21 -7.52
C GLU D 16 -34.57 26.88 -8.23
N ILE D 17 -34.47 26.91 -9.56
CA ILE D 17 -34.59 25.71 -10.35
C ILE D 17 -33.16 25.33 -10.74
N ILE D 18 -32.77 24.18 -10.20
CA ILE D 18 -31.42 23.67 -10.20
C ILE D 18 -31.43 22.35 -10.96
N ALA D 19 -30.74 22.30 -12.08
CA ALA D 19 -30.63 21.08 -12.87
C ALA D 19 -29.35 20.36 -12.49
N VAL D 20 -29.46 19.13 -12.03
CA VAL D 20 -28.27 18.29 -11.85
C VAL D 20 -28.15 17.57 -13.18
N ALA D 21 -27.25 18.05 -14.03
CA ALA D 21 -27.06 17.48 -15.36
C ALA D 21 -25.59 17.21 -15.58
N ASN D 22 -25.35 16.27 -16.50
CA ASN D 22 -24.04 15.98 -17.05
C ASN D 22 -24.24 14.90 -18.13
N GLN D 23 -23.68 15.07 -19.35
CA GLN D 23 -24.04 14.17 -20.45
C GLN D 23 -23.45 12.79 -20.34
N LYS D 24 -22.45 12.60 -19.48
CA LYS D 24 -21.83 11.30 -19.28
C LYS D 24 -22.67 10.43 -18.36
N GLY D 25 -22.74 9.14 -18.67
CA GLY D 25 -23.56 8.24 -17.89
C GLY D 25 -22.87 7.74 -16.64
N GLY D 26 -23.71 7.41 -15.66
CA GLY D 26 -23.28 6.85 -14.40
C GLY D 26 -22.47 7.80 -13.55
N VAL D 27 -22.69 9.10 -13.65
CA VAL D 27 -21.83 10.04 -12.98
C VAL D 27 -22.45 10.65 -11.74
N GLY D 28 -23.66 10.24 -11.37
CA GLY D 28 -24.27 10.68 -10.12
C GLY D 28 -25.35 11.74 -10.18
N LYS D 29 -25.91 12.03 -11.36
CA LYS D 29 -26.96 13.03 -11.48
C LYS D 29 -28.19 12.63 -10.67
N THR D 30 -28.55 11.36 -10.78
CA THR D 30 -29.73 10.81 -10.14
C THR D 30 -29.50 10.61 -8.65
N THR D 31 -28.28 10.19 -8.28
CA THR D 31 -27.99 9.98 -6.87
C THR D 31 -27.88 11.32 -6.17
N THR D 32 -27.23 12.27 -6.84
CA THR D 32 -27.11 13.61 -6.28
C THR D 32 -28.47 14.28 -6.24
N ALA D 33 -29.29 14.07 -7.27
CA ALA D 33 -30.59 14.75 -7.31
C ALA D 33 -31.47 14.26 -6.19
N VAL D 34 -31.67 12.94 -6.11
CA VAL D 34 -32.47 12.39 -5.01
C VAL D 34 -31.97 12.89 -3.67
N ASN D 35 -30.66 12.74 -3.41
CA ASN D 35 -30.09 12.93 -2.07
C ASN D 35 -29.89 14.40 -1.72
N LEU D 36 -29.72 15.29 -2.71
CA LEU D 36 -29.77 16.72 -2.43
C LEU D 36 -31.20 17.16 -2.15
N ALA D 37 -32.17 16.68 -2.94
CA ALA D 37 -33.57 16.97 -2.62
C ALA D 37 -33.86 16.61 -1.18
N ALA D 38 -33.53 15.39 -0.78
CA ALA D 38 -33.83 14.94 0.58
C ALA D 38 -33.04 15.75 1.62
N SER D 39 -31.74 15.93 1.42
CA SER D 39 -30.96 16.57 2.45
C SER D 39 -31.33 18.04 2.61
N LEU D 40 -31.97 18.65 1.61
CA LEU D 40 -32.50 19.99 1.75
C LEU D 40 -33.86 19.98 2.38
N ALA D 41 -34.66 18.94 2.08
CA ALA D 41 -36.03 18.81 2.62
C ALA D 41 -36.00 18.74 4.14
N VAL D 42 -35.11 17.92 4.69
CA VAL D 42 -35.05 17.87 6.15
C VAL D 42 -34.72 19.20 6.76
N HIS D 43 -34.11 20.10 6.00
CA HIS D 43 -33.85 21.45 6.45
C HIS D 43 -35.09 22.31 6.34
N GLU D 44 -36.25 21.66 6.32
CA GLU D 44 -37.55 22.33 6.35
C GLU D 44 -37.71 23.32 5.20
N LYS D 45 -37.29 22.91 4.01
CA LYS D 45 -37.57 23.63 2.78
C LYS D 45 -38.36 22.72 1.86
N LYS D 46 -39.34 23.29 1.16
CA LYS D 46 -40.23 22.54 0.28
C LYS D 46 -39.56 22.37 -1.09
N ILE D 47 -39.38 21.12 -1.48
CA ILE D 47 -38.58 20.72 -2.62
C ILE D 47 -39.45 19.96 -3.59
N LEU D 48 -39.31 20.24 -4.89
CA LEU D 48 -39.89 19.40 -5.94
C LEU D 48 -38.77 18.78 -6.73
N LEU D 49 -38.78 17.47 -6.86
CA LEU D 49 -37.76 16.79 -7.64
C LEU D 49 -38.41 16.33 -8.92
N ILE D 50 -37.94 16.85 -10.03
CA ILE D 50 -38.38 16.41 -11.34
C ILE D 50 -37.49 15.27 -11.83
N ASP D 51 -38.11 14.20 -12.29
CA ASP D 51 -37.40 13.09 -12.90
C ASP D 51 -37.50 13.28 -14.39
N PHE D 52 -36.46 13.87 -14.98
CA PHE D 52 -36.46 14.18 -16.40
C PHE D 52 -35.80 13.07 -17.19
N ASP D 53 -35.72 11.88 -16.63
CA ASP D 53 -35.04 10.80 -17.31
C ASP D 53 -36.03 9.70 -17.64
N PRO D 54 -36.12 9.30 -18.91
CA PRO D 54 -37.00 8.19 -19.25
C PRO D 54 -36.62 6.92 -18.57
N GLN D 55 -35.44 6.86 -17.98
CA GLN D 55 -35.08 5.72 -17.15
C GLN D 55 -35.86 5.68 -15.84
N ALA D 56 -36.39 6.82 -15.41
CA ALA D 56 -37.17 6.90 -14.19
C ALA D 56 -36.38 6.33 -13.04
N ASN D 57 -35.08 6.63 -12.99
CA ASN D 57 -34.28 6.14 -11.88
C ASN D 57 -34.53 6.93 -10.62
N ALA D 58 -34.79 8.24 -10.73
CA ALA D 58 -35.12 9.07 -9.57
C ALA D 58 -36.47 8.70 -8.98
N THR D 59 -37.50 8.55 -9.82
CA THR D 59 -38.78 7.99 -9.38
C THR D 59 -38.56 6.69 -8.63
N SER D 60 -37.87 5.74 -9.28
CA SER D 60 -37.65 4.43 -8.70
C SER D 60 -36.86 4.50 -7.40
N SER D 61 -36.00 5.50 -7.26
CA SER D 61 -35.25 5.66 -6.03
C SER D 61 -36.11 6.16 -4.91
N LEU D 62 -37.21 6.85 -5.22
CA LEU D 62 -38.08 7.27 -4.14
C LEU D 62 -39.18 6.28 -3.86
N GLY D 63 -39.00 5.05 -4.31
CA GLY D 63 -39.88 3.98 -3.89
C GLY D 63 -41.12 3.73 -4.73
N PHE D 64 -41.38 4.51 -5.77
CA PHE D 64 -42.53 4.30 -6.65
C PHE D 64 -42.25 3.18 -7.62
N ARG D 65 -43.33 2.63 -8.19
CA ARG D 65 -43.18 1.69 -9.29
C ARG D 65 -43.55 2.48 -10.52
N ARG D 66 -42.54 2.76 -11.36
CA ARG D 66 -42.83 3.40 -12.63
C ARG D 66 -43.99 2.70 -13.33
N ASP D 67 -44.12 1.40 -13.12
CA ASP D 67 -45.11 0.62 -13.82
C ASP D 67 -46.53 0.82 -13.27
N LYS D 68 -46.66 1.16 -11.99
CA LYS D 68 -47.91 1.56 -11.38
C LYS D 68 -48.05 3.09 -11.32
N ILE D 69 -47.36 3.81 -12.24
CA ILE D 69 -47.39 5.29 -12.38
C ILE D 69 -48.28 5.67 -13.57
N ASP D 70 -49.29 6.53 -13.30
CA ASP D 70 -50.27 6.86 -14.35
C ASP D 70 -49.85 7.99 -15.28
N TYR D 71 -49.87 9.24 -14.80
CA TYR D 71 -49.47 10.35 -15.64
C TYR D 71 -48.23 11.06 -15.13
N ASP D 72 -47.36 11.45 -16.07
CA ASP D 72 -46.05 11.92 -15.70
C ASP D 72 -45.67 13.18 -16.43
N ILE D 73 -44.40 13.54 -16.38
CA ILE D 73 -44.02 14.85 -16.88
C ILE D 73 -44.16 14.91 -18.40
N TYR D 74 -44.19 13.75 -19.08
CA TYR D 74 -44.43 13.73 -20.53
C TYR D 74 -45.78 14.37 -20.87
N HIS D 75 -46.84 13.88 -20.26
CA HIS D 75 -48.15 14.45 -20.50
C HIS D 75 -48.19 15.89 -20.05
N VAL D 76 -47.34 16.28 -19.10
CA VAL D 76 -47.25 17.70 -18.80
C VAL D 76 -46.68 18.47 -19.99
N LEU D 77 -45.57 17.99 -20.55
CA LEU D 77 -44.87 18.72 -21.61
C LEU D 77 -45.69 18.87 -22.90
N ILE D 78 -46.45 17.83 -23.27
CA ILE D 78 -47.33 17.90 -24.43
C ILE D 78 -48.63 18.66 -24.17
N GLY D 79 -48.84 19.17 -22.96
CA GLY D 79 -50.03 19.92 -22.64
C GLY D 79 -51.24 19.07 -22.30
N ARG D 80 -51.15 17.76 -22.48
CA ARG D 80 -52.25 16.89 -22.07
C ARG D 80 -52.57 16.99 -20.59
N LYS D 81 -51.63 17.47 -19.77
CA LYS D 81 -51.77 17.50 -18.32
C LYS D 81 -51.08 18.72 -17.70
N GLN D 82 -51.54 19.06 -16.50
CA GLN D 82 -50.91 20.09 -15.67
C GLN D 82 -49.73 19.49 -14.91
N ILE D 83 -48.68 20.29 -14.73
CA ILE D 83 -47.54 19.84 -13.92
C ILE D 83 -47.98 19.58 -12.49
N SER D 84 -48.91 20.40 -11.99
CA SER D 84 -49.42 20.18 -10.65
C SER D 84 -50.28 18.94 -10.54
N GLN D 85 -50.71 18.35 -11.66
CA GLN D 85 -51.50 17.11 -11.60
C GLN D 85 -50.62 15.89 -11.30
N VAL D 86 -49.41 15.85 -11.86
CA VAL D 86 -48.59 14.63 -11.87
C VAL D 86 -47.81 14.45 -10.58
N ILE D 87 -47.67 15.51 -9.78
CA ILE D 87 -46.88 15.49 -8.55
C ILE D 87 -47.41 14.47 -7.56
N LEU D 88 -46.51 13.66 -7.03
CA LEU D 88 -46.78 12.70 -5.99
C LEU D 88 -46.07 13.16 -4.72
N LYS D 89 -46.65 12.86 -3.56
CA LYS D 89 -45.95 13.17 -2.32
C LYS D 89 -45.23 11.93 -1.83
N THR D 90 -44.10 12.16 -1.19
CA THR D 90 -43.14 11.13 -0.89
C THR D 90 -43.05 10.95 0.61
N GLN D 91 -42.35 9.88 0.98
CA GLN D 91 -42.04 9.46 2.34
C GLN D 91 -41.39 10.55 3.19
N MET D 92 -41.00 11.63 2.55
CA MET D 92 -40.57 12.82 3.24
C MET D 92 -41.62 13.87 3.02
N PRO D 93 -42.17 14.49 4.07
CA PRO D 93 -43.30 15.39 3.82
C PRO D 93 -42.88 16.58 2.98
N PHE D 94 -41.59 16.97 3.06
CA PHE D 94 -41.16 18.16 2.37
C PHE D 94 -40.64 17.91 0.98
N LEU D 95 -40.51 16.66 0.54
CA LEU D 95 -40.01 16.34 -0.80
C LEU D 95 -41.14 15.77 -1.65
N ASP D 96 -41.44 16.44 -2.78
CA ASP D 96 -42.45 16.02 -3.75
C ASP D 96 -41.74 15.64 -5.06
N LEU D 97 -42.39 14.77 -5.84
CA LEU D 97 -41.82 14.19 -7.05
C LEU D 97 -42.75 14.26 -8.25
N VAL D 98 -42.24 14.77 -9.36
CA VAL D 98 -42.85 14.59 -10.67
C VAL D 98 -42.20 13.39 -11.33
N PRO D 99 -42.88 12.26 -11.50
CA PRO D 99 -42.27 11.00 -11.94
C PRO D 99 -42.06 10.95 -13.46
N SER D 100 -41.46 9.86 -13.93
CA SER D 100 -41.20 9.65 -15.34
C SER D 100 -41.53 8.22 -15.79
N ASN D 101 -41.41 7.98 -17.09
CA ASN D 101 -41.60 6.70 -17.76
C ASN D 101 -41.00 6.84 -19.15
N LEU D 102 -40.93 5.70 -19.87
CA LEU D 102 -40.41 5.74 -21.24
C LEU D 102 -41.20 6.68 -22.11
N GLY D 103 -42.44 7.00 -21.75
CA GLY D 103 -43.15 7.93 -22.59
C GLY D 103 -42.41 9.23 -22.70
N LEU D 104 -41.62 9.59 -21.68
CA LEU D 104 -40.82 10.79 -21.78
C LEU D 104 -39.86 10.71 -22.96
N ALA D 105 -39.38 9.52 -23.25
CA ALA D 105 -38.51 9.36 -24.41
C ALA D 105 -39.17 9.91 -25.66
N GLY D 106 -40.47 9.66 -25.85
CA GLY D 106 -41.15 10.18 -27.03
C GLY D 106 -40.84 11.63 -27.30
N PHE D 107 -40.63 12.42 -26.24
CA PHE D 107 -40.37 13.86 -26.35
C PHE D 107 -39.24 14.19 -27.33
N GLU D 108 -38.26 13.29 -27.47
CA GLU D 108 -37.20 13.38 -28.47
C GLU D 108 -37.78 13.94 -29.76
N LYS D 109 -38.62 13.10 -30.41
CA LYS D 109 -39.34 13.50 -31.62
C LYS D 109 -40.16 14.78 -31.39
N THR D 110 -41.02 14.81 -30.35
CA THR D 110 -41.81 16.01 -30.07
C THR D 110 -40.95 17.26 -30.11
N PHE D 111 -39.75 17.21 -29.51
CA PHE D 111 -38.87 18.38 -29.50
C PHE D 111 -38.59 18.88 -30.91
N TYR D 112 -38.13 17.98 -31.79
CA TYR D 112 -37.77 18.36 -33.15
C TYR D 112 -38.99 18.81 -33.95
N ASP D 113 -40.20 18.32 -33.62
CA ASP D 113 -41.39 18.86 -34.28
C ASP D 113 -41.53 20.36 -34.03
N SER D 114 -41.05 20.83 -32.87
CA SER D 114 -40.92 22.26 -32.63
C SER D 114 -39.74 22.87 -33.42
N GLN D 115 -38.57 22.20 -33.46
CA GLN D 115 -37.40 22.72 -34.21
C GLN D 115 -37.67 22.95 -35.70
N ASP D 116 -38.55 22.14 -36.29
CA ASP D 116 -38.91 22.28 -37.70
C ASP D 116 -39.97 23.35 -37.91
N GLU D 117 -40.79 23.63 -36.88
CA GLU D 117 -42.03 24.41 -36.97
C GLU D 117 -41.90 25.84 -36.46
N ASN D 118 -41.23 26.05 -35.30
CA ASN D 118 -41.08 27.39 -34.73
C ASN D 118 -39.82 27.56 -33.86
N LYS D 119 -38.85 26.63 -33.93
CA LYS D 119 -37.52 26.75 -33.33
C LYS D 119 -37.55 27.07 -31.83
N ARG D 120 -38.60 26.63 -31.14
CA ARG D 120 -38.71 26.73 -29.69
C ARG D 120 -38.57 25.35 -29.09
N GLY D 121 -39.35 25.01 -28.07
CA GLY D 121 -39.20 23.66 -27.58
C GLY D 121 -37.95 23.46 -26.76
N GLU D 122 -37.06 24.46 -26.72
CA GLU D 122 -36.04 24.50 -25.68
C GLU D 122 -36.68 24.78 -24.32
N LEU D 123 -37.70 25.63 -24.32
CA LEU D 123 -38.27 26.24 -23.11
C LEU D 123 -39.58 25.59 -22.67
N MET D 124 -39.77 24.30 -22.98
CA MET D 124 -41.02 23.64 -22.66
C MET D 124 -41.20 23.40 -21.17
N LEU D 125 -40.23 22.73 -20.56
CA LEU D 125 -40.24 22.51 -19.12
C LEU D 125 -40.35 23.83 -18.36
N LYS D 126 -39.66 24.86 -18.84
CA LYS D 126 -39.73 26.21 -18.24
C LYS D 126 -41.19 26.67 -18.09
N ASN D 127 -41.96 26.52 -19.17
CA ASN D 127 -43.37 26.97 -19.20
C ASN D 127 -44.29 26.09 -18.37
N ALA D 128 -44.12 24.75 -18.47
CA ALA D 128 -44.92 23.84 -17.65
C ALA D 128 -44.64 24.02 -16.17
N LEU D 129 -43.40 24.39 -15.81
CA LEU D 129 -43.03 24.63 -14.42
C LEU D 129 -43.60 25.93 -13.90
N GLU D 130 -43.77 26.91 -14.78
CA GLU D 130 -44.23 28.24 -14.40
C GLU D 130 -45.31 28.23 -13.31
N SER D 131 -46.15 27.19 -13.31
CA SER D 131 -47.32 27.10 -12.44
C SER D 131 -47.05 26.52 -11.06
N VAL D 132 -45.85 25.98 -10.81
CA VAL D 132 -45.49 25.42 -9.52
C VAL D 132 -44.24 26.06 -8.94
N VAL D 133 -43.70 27.08 -9.62
CA VAL D 133 -42.43 27.65 -9.20
C VAL D 133 -42.55 28.54 -7.96
N GLY D 134 -43.76 28.85 -7.50
CA GLY D 134 -43.87 29.62 -6.28
C GLY D 134 -44.37 28.80 -5.11
N LEU D 135 -44.69 27.54 -5.41
CA LEU D 135 -45.24 26.56 -4.47
C LEU D 135 -44.12 25.76 -3.79
N TYR D 136 -42.88 25.96 -4.25
CA TYR D 136 -41.68 25.26 -3.80
C TYR D 136 -40.55 26.27 -3.56
N ASP D 137 -39.56 25.84 -2.75
CA ASP D 137 -38.29 26.55 -2.54
C ASP D 137 -37.22 26.24 -3.57
N TYR D 138 -36.99 24.95 -3.80
CA TYR D 138 -36.03 24.46 -4.76
C TYR D 138 -36.72 23.43 -5.64
N ILE D 139 -36.44 23.50 -6.94
CA ILE D 139 -36.87 22.49 -7.90
C ILE D 139 -35.63 21.86 -8.44
N ILE D 140 -35.42 20.59 -8.12
CA ILE D 140 -34.19 19.84 -8.37
C ILE D 140 -34.48 18.90 -9.55
N ILE D 141 -33.76 19.07 -10.66
CA ILE D 141 -34.05 18.35 -11.91
C ILE D 141 -32.98 17.31 -12.18
N ASP D 142 -33.36 16.02 -12.09
CA ASP D 142 -32.48 14.91 -12.45
C ASP D 142 -32.52 14.70 -13.96
N SER D 143 -31.40 14.91 -14.62
CA SER D 143 -31.28 14.90 -16.07
C SER D 143 -30.81 13.56 -16.55
N PRO D 144 -31.04 13.28 -17.82
CA PRO D 144 -30.53 12.07 -18.44
C PRO D 144 -29.11 12.27 -18.93
N PRO D 145 -28.41 11.18 -19.25
CA PRO D 145 -27.01 11.29 -19.71
C PRO D 145 -26.87 11.59 -21.20
N ALA D 146 -27.30 12.80 -21.62
CA ALA D 146 -27.24 13.22 -23.02
C ALA D 146 -27.07 14.75 -23.08
N LEU D 147 -26.86 15.26 -24.29
CA LEU D 147 -26.98 16.68 -24.58
C LEU D 147 -28.16 16.96 -25.52
N GLY D 148 -29.14 16.06 -25.51
CA GLY D 148 -30.21 16.16 -26.45
C GLY D 148 -31.33 17.02 -25.92
N PRO D 149 -32.47 16.95 -26.61
CA PRO D 149 -33.62 17.76 -26.22
C PRO D 149 -33.98 17.74 -24.74
N LEU D 150 -34.04 16.56 -24.10
CA LEU D 150 -34.46 16.47 -22.70
C LEU D 150 -33.51 17.25 -21.79
N THR D 151 -32.21 16.99 -21.90
CA THR D 151 -31.25 17.77 -21.12
C THR D 151 -31.32 19.24 -21.48
N ILE D 152 -31.67 19.56 -22.74
CA ILE D 152 -31.77 20.97 -23.13
C ILE D 152 -32.92 21.64 -22.40
N ASN D 153 -34.07 20.99 -22.35
CA ASN D 153 -35.14 21.50 -21.52
C ASN D 153 -34.68 21.60 -20.08
N SER D 154 -34.09 20.53 -19.55
CA SER D 154 -33.66 20.50 -18.15
C SER D 154 -32.79 21.68 -17.78
N LEU D 155 -31.82 22.01 -18.64
CA LEU D 155 -30.95 23.13 -18.36
C LEU D 155 -31.66 24.46 -18.58
N SER D 156 -32.49 24.56 -19.62
CA SER D 156 -33.01 25.87 -19.99
C SER D 156 -33.99 26.40 -18.98
N ALA D 157 -34.73 25.51 -18.29
CA ALA D 157 -35.64 25.91 -17.22
C ALA D 157 -34.88 26.40 -16.00
N ALA D 158 -33.62 26.01 -15.89
CA ALA D 158 -32.90 26.03 -14.63
C ALA D 158 -32.31 27.41 -14.39
N HIS D 159 -32.23 27.77 -13.12
CA HIS D 159 -31.40 28.90 -12.74
C HIS D 159 -29.95 28.52 -12.66
N SER D 160 -29.68 27.33 -12.13
CA SER D 160 -28.29 26.96 -11.99
C SER D 160 -28.15 25.46 -12.19
N VAL D 161 -26.92 25.03 -12.50
CA VAL D 161 -26.63 23.62 -12.82
C VAL D 161 -25.57 23.09 -11.85
N ILE D 162 -25.76 21.85 -11.39
CA ILE D 162 -24.81 21.18 -10.51
C ILE D 162 -24.21 20.06 -11.30
N ILE D 163 -22.89 20.01 -11.35
CA ILE D 163 -22.21 19.11 -12.26
C ILE D 163 -21.46 18.07 -11.44
N PRO D 164 -22.06 16.89 -11.25
CA PRO D 164 -21.37 15.82 -10.53
C PRO D 164 -20.25 15.27 -11.40
N ILE D 165 -19.06 15.13 -10.82
CA ILE D 165 -17.90 14.70 -11.55
C ILE D 165 -17.44 13.40 -10.96
N GLN D 166 -17.43 12.37 -11.82
CA GLN D 166 -16.76 11.10 -11.54
C GLN D 166 -15.32 11.35 -12.01
N CYS D 167 -14.39 11.39 -11.05
CA CYS D 167 -13.01 11.84 -11.28
C CYS D 167 -12.22 10.74 -11.96
N GLU D 168 -12.63 10.41 -13.17
CA GLU D 168 -11.91 9.43 -13.97
C GLU D 168 -11.62 10.14 -15.28
N PHE D 169 -11.14 9.40 -16.29
CA PHE D 169 -10.53 10.07 -17.44
C PHE D 169 -11.52 10.92 -18.25
N PHE D 170 -12.66 10.35 -18.64
CA PHE D 170 -13.57 11.06 -19.56
C PHE D 170 -14.15 12.34 -18.96
N ALA D 171 -14.13 12.48 -17.63
CA ALA D 171 -14.62 13.70 -17.00
C ALA D 171 -13.88 14.89 -17.49
N LEU D 172 -12.79 14.66 -18.20
CA LEU D 172 -12.04 15.76 -18.74
C LEU D 172 -12.80 16.27 -19.95
N GLU D 173 -12.77 15.47 -21.03
CA GLU D 173 -13.33 15.87 -22.31
C GLU D 173 -14.75 16.35 -22.13
N GLY D 174 -15.57 15.47 -21.53
CA GLY D 174 -16.98 15.72 -21.40
C GLY D 174 -17.26 17.08 -20.80
N THR D 175 -16.56 17.38 -19.69
CA THR D 175 -16.90 18.59 -18.95
C THR D 175 -16.79 19.81 -19.85
N LYS D 176 -15.69 19.88 -20.60
CA LYS D 176 -15.49 21.02 -21.48
C LYS D 176 -16.67 21.18 -22.42
N LEU D 177 -17.05 20.09 -23.08
CA LEU D 177 -18.24 20.16 -23.92
C LEU D 177 -19.43 20.65 -23.11
N LEU D 178 -19.65 20.07 -21.92
CA LEU D 178 -20.85 20.49 -21.20
C LEU D 178 -20.84 22.00 -20.96
N LEU D 179 -19.74 22.56 -20.46
CA LEU D 179 -19.78 23.99 -20.16
C LEU D 179 -20.03 24.80 -21.42
N ASN D 180 -19.41 24.40 -22.52
CA ASN D 180 -19.63 25.05 -23.80
C ASN D 180 -21.11 25.07 -24.13
N THR D 181 -21.77 23.91 -24.00
CA THR D 181 -23.23 23.85 -24.21
C THR D 181 -23.95 24.80 -23.26
N ILE D 182 -23.51 24.85 -22.00
CA ILE D 182 -24.02 25.83 -21.06
C ILE D 182 -23.87 27.21 -21.67
N ARG D 183 -22.62 27.54 -22.07
CA ARG D 183 -22.33 28.85 -22.66
C ARG D 183 -23.24 29.08 -23.87
N MET D 184 -23.43 28.03 -24.67
CA MET D 184 -24.26 28.16 -25.86
C MET D 184 -25.68 28.59 -25.48
N LEU D 185 -26.34 27.84 -24.57
CA LEU D 185 -27.69 28.22 -24.14
C LEU D 185 -27.72 29.57 -23.44
N GLN D 186 -26.60 29.97 -22.82
CA GLN D 186 -26.60 31.26 -22.16
C GLN D 186 -26.70 32.36 -23.18
N LYS D 187 -26.15 32.11 -24.36
CA LYS D 187 -26.20 33.11 -25.43
C LYS D 187 -27.43 32.95 -26.31
N SER D 188 -28.28 31.93 -26.07
CA SER D 188 -29.50 31.73 -26.85
C SER D 188 -30.76 31.81 -25.98
N THR D 189 -31.06 30.77 -25.18
CA THR D 189 -32.37 30.64 -24.54
C THR D 189 -32.39 31.07 -23.07
N ASN D 190 -31.35 30.78 -22.27
CA ASN D 190 -31.39 31.08 -20.83
C ASN D 190 -30.17 31.91 -20.43
N PRO D 191 -30.26 33.25 -20.56
CA PRO D 191 -29.09 34.09 -20.29
C PRO D 191 -28.71 34.16 -18.82
N LYS D 192 -29.68 34.09 -17.91
CA LYS D 192 -29.45 34.16 -16.47
C LYS D 192 -28.72 32.92 -15.89
N LEU D 193 -28.55 31.86 -16.67
CA LEU D 193 -28.07 30.57 -16.16
C LEU D 193 -26.68 30.64 -15.51
N LYS D 194 -26.59 30.13 -14.27
CA LYS D 194 -25.38 30.09 -13.46
C LYS D 194 -24.93 28.63 -13.24
N ILE D 195 -23.62 28.41 -13.13
CA ILE D 195 -23.08 27.12 -12.73
C ILE D 195 -22.99 27.12 -11.21
N ARG D 196 -23.89 26.35 -10.57
CA ARG D 196 -23.96 26.30 -9.12
C ARG D 196 -22.71 25.67 -8.50
N GLY D 197 -22.08 24.76 -9.22
CA GLY D 197 -20.83 24.17 -8.78
C GLY D 197 -20.55 22.85 -9.47
N PHE D 198 -19.32 22.38 -9.29
CA PHE D 198 -18.93 21.05 -9.76
C PHE D 198 -18.97 20.12 -8.57
N LEU D 199 -19.37 18.86 -8.77
CA LEU D 199 -19.52 17.98 -7.62
C LEU D 199 -18.78 16.66 -7.79
N PRO D 200 -17.58 16.56 -7.23
CA PRO D 200 -16.89 15.28 -7.26
C PRO D 200 -17.68 14.22 -6.49
N THR D 201 -17.94 13.10 -7.17
CA THR D 201 -18.74 11.99 -6.64
C THR D 201 -18.00 10.67 -6.85
N MET D 202 -18.46 9.65 -6.11
CA MET D 202 -17.81 8.33 -6.08
C MET D 202 -16.32 8.43 -5.77
N HIS D 203 -15.97 9.43 -4.98
CA HIS D 203 -14.58 9.87 -4.83
C HIS D 203 -13.77 8.79 -4.12
N VAL D 204 -12.71 8.27 -4.77
CA VAL D 204 -11.70 7.51 -4.04
C VAL D 204 -10.49 8.41 -3.97
N PRO D 205 -10.23 9.08 -2.83
CA PRO D 205 -9.30 10.19 -2.87
C PRO D 205 -7.90 9.76 -3.10
N GLN D 206 -7.55 8.49 -2.87
CA GLN D 206 -6.16 8.08 -2.93
C GLN D 206 -5.74 7.54 -4.29
N LEU D 207 -6.67 7.21 -5.16
CA LEU D 207 -6.34 6.75 -6.52
C LEU D 207 -5.60 7.79 -7.34
N ASN D 208 -4.71 7.33 -8.24
CA ASN D 208 -3.87 8.29 -8.97
C ASN D 208 -4.62 8.91 -10.12
N LEU D 209 -5.41 8.12 -10.82
CA LEU D 209 -6.21 8.68 -11.90
C LEU D 209 -7.08 9.82 -11.37
N THR D 210 -7.61 9.66 -10.15
CA THR D 210 -8.43 10.67 -9.49
C THR D 210 -7.63 11.92 -9.18
N LYS D 211 -6.48 11.76 -8.54
CA LYS D 211 -5.60 12.90 -8.29
C LYS D 211 -5.39 13.67 -9.57
N GLY D 212 -5.14 12.96 -10.67
CA GLY D 212 -4.83 13.62 -11.92
C GLY D 212 -6.00 14.40 -12.46
N VAL D 213 -7.16 13.76 -12.53
CA VAL D 213 -8.36 14.38 -13.09
C VAL D 213 -8.84 15.54 -12.19
N LEU D 214 -8.73 15.38 -10.88
CA LEU D 214 -9.01 16.51 -10.00
C LEU D 214 -8.05 17.65 -10.30
N ALA D 215 -6.76 17.36 -10.52
CA ALA D 215 -5.78 18.41 -10.75
C ALA D 215 -6.09 19.20 -12.02
N GLU D 216 -6.38 18.50 -13.09
CA GLU D 216 -6.76 19.19 -14.32
C GLU D 216 -7.97 20.07 -14.08
N LEU D 217 -8.99 19.49 -13.46
CA LEU D 217 -10.23 20.23 -13.24
C LEU D 217 -10.00 21.40 -12.29
N PHE D 218 -9.10 21.25 -11.32
CA PHE D 218 -8.79 22.37 -10.46
C PHE D 218 -8.20 23.49 -11.26
N LYS D 219 -7.11 23.23 -11.99
CA LYS D 219 -6.55 24.25 -12.87
C LYS D 219 -7.67 25.00 -13.63
N TYR D 220 -8.61 24.29 -14.26
CA TYR D 220 -9.57 25.02 -15.09
C TYR D 220 -10.80 25.60 -14.37
N PHE D 221 -11.18 25.11 -13.15
CA PHE D 221 -12.42 25.50 -12.45
C PHE D 221 -12.34 25.38 -10.92
N ASP D 222 -11.18 25.64 -10.31
CA ASP D 222 -11.03 25.38 -8.89
C ASP D 222 -12.08 26.13 -8.08
N SER D 223 -12.40 27.35 -8.47
CA SER D 223 -13.36 28.15 -7.69
C SER D 223 -14.79 27.66 -7.81
N GLU D 224 -15.12 26.88 -8.85
CA GLU D 224 -16.49 26.44 -9.10
C GLU D 224 -16.80 25.14 -8.35
N PHE D 225 -15.92 24.73 -7.44
CA PHE D 225 -16.07 23.49 -6.69
C PHE D 225 -16.81 23.72 -5.37
N PHE D 226 -17.70 22.80 -5.05
CA PHE D 226 -18.47 22.97 -3.83
C PHE D 226 -17.53 22.92 -2.65
N ARG D 227 -17.57 23.98 -1.87
CA ARG D 227 -16.82 24.08 -0.63
C ARG D 227 -17.76 24.08 0.56
N ASP D 228 -17.42 23.29 1.58
CA ASP D 228 -17.96 23.54 2.91
C ASP D 228 -17.48 24.92 3.28
N SER D 229 -18.31 25.96 3.08
CA SER D 229 -17.83 27.32 3.30
C SER D 229 -17.46 27.61 4.76
N ALA D 230 -17.97 26.81 5.72
CA ALA D 230 -17.51 26.89 7.11
C ALA D 230 -15.99 26.68 7.18
N THR D 231 -15.52 25.57 6.61
CA THR D 231 -14.10 25.29 6.59
C THR D 231 -13.49 25.54 5.23
N GLY D 232 -14.27 26.07 4.29
CA GLY D 232 -13.78 26.24 2.93
C GLY D 232 -13.43 24.96 2.20
N GLU D 233 -13.40 23.81 2.87
CA GLU D 233 -12.94 22.56 2.28
C GLU D 233 -13.82 22.05 1.15
N TYR D 234 -13.20 21.33 0.23
CA TYR D 234 -13.93 20.75 -0.88
C TYR D 234 -15.02 19.81 -0.37
N ILE D 235 -16.14 19.79 -1.08
CA ILE D 235 -17.25 18.91 -0.78
C ILE D 235 -17.22 17.82 -1.81
N MET D 236 -16.97 16.60 -1.38
CA MET D 236 -16.87 15.55 -2.36
C MET D 236 -17.61 14.33 -1.87
N ILE D 237 -18.45 13.80 -2.75
CA ILE D 237 -19.30 12.69 -2.39
C ILE D 237 -18.45 11.43 -2.44
N PRO D 238 -18.22 10.79 -1.29
CA PRO D 238 -17.35 9.61 -1.23
C PRO D 238 -18.01 8.39 -1.82
N LYS D 239 -17.20 7.51 -2.39
CA LYS D 239 -17.76 6.23 -2.74
C LYS D 239 -18.19 5.56 -1.46
N SER D 240 -19.45 5.10 -1.43
CA SER D 240 -20.13 4.56 -0.26
C SER D 240 -21.10 3.52 -0.77
N VAL D 241 -20.93 2.24 -0.40
CA VAL D 241 -21.86 1.22 -0.87
C VAL D 241 -23.26 1.57 -0.43
N LYS D 242 -23.40 2.16 0.74
CA LYS D 242 -24.71 2.54 1.25
C LYS D 242 -25.40 3.60 0.42
N LEU D 243 -24.64 4.48 -0.18
CA LEU D 243 -25.24 5.46 -1.07
C LEU D 243 -25.91 4.77 -2.25
N ALA D 244 -25.39 3.59 -2.65
CA ALA D 244 -25.90 2.83 -3.77
C ALA D 244 -26.85 1.71 -3.38
N GLU D 245 -26.89 1.35 -2.10
CA GLU D 245 -27.90 0.45 -1.57
C GLU D 245 -29.20 1.17 -1.26
N SER D 246 -29.16 2.43 -0.80
CA SER D 246 -30.36 3.13 -0.37
C SER D 246 -31.54 3.10 -1.34
N PRO D 247 -31.40 3.37 -2.64
CA PRO D 247 -32.59 3.33 -3.52
C PRO D 247 -33.16 1.95 -3.69
N SER D 248 -32.38 0.91 -3.45
CA SER D 248 -32.97 -0.41 -3.49
C SER D 248 -34.02 -0.54 -2.42
N PHE D 249 -34.02 0.36 -1.45
CA PHE D 249 -35.11 0.46 -0.50
C PHE D 249 -35.99 1.65 -0.79
N GLY D 250 -35.92 2.23 -1.98
CA GLY D 250 -36.77 3.39 -2.21
C GLY D 250 -36.68 4.44 -1.14
N LYS D 251 -35.47 4.70 -0.64
CA LYS D 251 -35.22 5.68 0.42
C LYS D 251 -34.02 6.54 0.03
N PRO D 252 -34.04 7.84 0.34
CA PRO D 252 -32.78 8.61 0.35
C PRO D 252 -31.78 8.09 1.37
N ILE D 253 -30.62 8.72 1.45
CA ILE D 253 -29.60 8.19 2.36
C ILE D 253 -29.97 8.53 3.79
N LEU D 254 -30.51 9.71 4.03
CA LEU D 254 -30.75 10.12 5.39
C LEU D 254 -31.87 9.32 6.03
N LEU D 255 -32.79 8.76 5.24
CA LEU D 255 -33.77 7.82 5.80
C LEU D 255 -33.25 6.39 5.84
N TYR D 256 -32.25 6.08 5.05
CA TYR D 256 -31.72 4.73 4.99
C TYR D 256 -30.51 4.55 5.88
N ASP D 257 -29.62 5.57 5.94
CA ASP D 257 -28.42 5.51 6.77
C ASP D 257 -27.89 6.93 6.99
N ILE D 258 -28.41 7.61 8.01
CA ILE D 258 -28.11 9.03 8.17
C ILE D 258 -26.69 9.27 8.64
N LYS D 259 -26.03 8.25 9.21
CA LYS D 259 -24.72 8.47 9.78
C LYS D 259 -23.56 8.11 8.82
N SER D 260 -23.85 7.43 7.70
CA SER D 260 -22.81 7.07 6.76
C SER D 260 -22.21 8.32 6.10
N ASN D 261 -21.07 8.17 5.41
CA ASN D 261 -20.41 9.34 4.85
C ASN D 261 -21.06 9.85 3.57
N GLY D 262 -21.58 8.97 2.72
CA GLY D 262 -22.38 9.48 1.61
C GLY D 262 -23.38 10.51 2.10
N SER D 263 -24.08 10.16 3.17
CA SER D 263 -25.09 11.05 3.73
C SER D 263 -24.48 12.35 4.24
N ILE D 264 -23.42 12.24 5.04
CA ILE D 264 -22.86 13.45 5.63
C ILE D 264 -22.44 14.38 4.53
N ALA D 265 -21.93 13.80 3.46
CA ALA D 265 -21.49 14.59 2.33
C ALA D 265 -22.65 15.35 1.72
N TYR D 266 -23.76 14.66 1.51
CA TYR D 266 -24.87 15.32 0.83
C TYR D 266 -25.52 16.37 1.71
N GLN D 267 -25.48 16.20 3.02
CA GLN D 267 -25.99 17.26 3.87
C GLN D 267 -25.06 18.47 3.89
N LYS D 268 -23.75 18.26 3.83
CA LYS D 268 -22.85 19.41 3.65
C LYS D 268 -23.15 20.13 2.33
N LEU D 269 -23.42 19.36 1.27
CA LEU D 269 -23.83 19.96 0.00
C LEU D 269 -25.08 20.79 0.18
N ALA D 270 -26.10 20.18 0.82
CA ALA D 270 -27.38 20.84 1.05
C ALA D 270 -27.21 22.08 1.90
N GLN D 271 -26.42 21.98 2.97
CA GLN D 271 -26.12 23.14 3.78
C GLN D 271 -25.51 24.24 2.92
N SER D 272 -24.60 23.87 2.00
CA SER D 272 -23.95 24.86 1.15
C SER D 272 -24.96 25.58 0.25
N ILE D 273 -25.82 24.81 -0.39
CA ILE D 273 -26.88 25.37 -1.22
C ILE D 273 -27.79 26.32 -0.43
N LEU D 274 -28.12 25.98 0.82
CA LEU D 274 -29.00 26.85 1.63
C LEU D 274 -28.30 28.17 1.97
N GLN D 275 -27.04 28.12 2.44
CA GLN D 275 -26.23 29.29 2.80
C GLN D 275 -26.13 30.29 1.67
N GLY D 276 -26.60 29.93 0.47
CA GLY D 276 -26.61 30.77 -0.72
C GLY D 276 -26.16 30.00 -1.96
PG ATP G . 21.13 -9.25 20.19
O1G ATP G . 20.46 -10.34 21.07
O2G ATP G . 21.30 -7.86 20.79
O3G ATP G . 22.29 -9.82 19.38
PB ATP G . 19.25 -10.33 18.68
O1B ATP G . 18.27 -10.62 19.81
O2B ATP G . 20.35 -11.28 18.25
O3B ATP G . 20.02 -8.98 19.03
PA ATP G . 16.95 -9.48 17.93
O1A ATP G . 15.99 -10.64 18.11
O2A ATP G . 17.21 -8.46 19.06
O3A ATP G . 18.33 -10.09 17.45
O5' ATP G . 16.76 -8.56 16.62
C5' ATP G . 17.00 -7.14 16.75
C4' ATP G . 15.86 -6.34 16.12
O4' ATP G . 15.49 -6.81 14.79
C3' ATP G . 14.63 -6.50 17.01
O3' ATP G . 13.74 -5.38 17.01
C2' ATP G . 14.01 -7.69 16.33
O2' ATP G . 12.68 -8.01 16.76
C1' ATP G . 14.15 -7.34 14.86
N9 ATP G . 13.89 -8.55 14.05
C8 ATP G . 14.23 -9.79 14.43
N7 ATP G . 13.87 -10.70 13.53
C5 ATP G . 13.27 -10.03 12.54
C6 ATP G . 12.66 -10.43 11.28
N6 ATP G . 12.64 -11.73 10.91
N1 ATP G . 12.14 -9.45 10.54
C2 ATP G . 12.17 -8.16 10.92
N3 ATP G . 12.70 -7.71 12.05
C4 ATP G . 13.26 -8.62 12.89
MG MG H . 19.17 -10.29 22.69
PG ATP I . 27.67 -4.61 16.20
O1G ATP I . 26.60 -4.20 17.20
O2G ATP I . 27.80 -6.15 16.17
O3G ATP I . 29.00 -3.76 16.13
PB ATP I . 27.01 -2.68 14.40
O1B ATP I . 26.68 -1.76 15.56
O2B ATP I . 28.40 -2.81 13.83
O3B ATP I . 26.84 -4.21 14.86
PA ATP I . 26.61 -2.95 11.76
O1A ATP I . 27.30 -4.27 12.03
O2A ATP I . 27.25 -1.78 11.03
O3A ATP I . 26.08 -2.38 13.14
O5' ATP I . 25.30 -3.36 11.00
C5' ATP I . 25.11 -4.77 10.83
C4' ATP I . 24.72 -4.99 9.38
O4' ATP I . 23.74 -4.03 8.95
C3' ATP I . 25.96 -4.85 8.45
O3' ATP I . 26.19 -5.81 7.38
C2' ATP I . 25.76 -3.44 7.92
O2' ATP I . 26.38 -3.37 6.64
C1' ATP I . 24.25 -3.26 7.85
N9 ATP I . 23.79 -1.84 7.85
C8 ATP I . 24.07 -0.90 8.76
N7 ATP I . 23.46 0.28 8.48
C5 ATP I . 22.77 0.07 7.37
C6 ATP I . 21.94 0.92 6.55
N6 ATP I . 21.76 2.20 6.92
N1 ATP I . 21.41 0.37 5.47
C2 ATP I . 21.63 -0.91 5.16
N3 ATP I . 22.40 -1.76 5.85
C4 ATP I . 23.00 -1.31 6.95
MG MG J . 30.99 -3.58 15.57
PG ATP K . -21.12 5.85 -21.28
O1G ATP K . -22.43 5.05 -21.37
O2G ATP K . -20.36 5.86 -22.60
O3G ATP K . -21.13 7.17 -20.51
PB ATP K . -20.01 3.35 -20.66
O1B ATP K . -21.43 2.81 -20.46
O2B ATP K . -19.28 3.19 -22.00
O3B ATP K . -20.13 4.93 -20.36
PA ATP K . -17.50 3.15 -19.73
O1A ATP K . -17.44 4.52 -20.38
O2A ATP K . -16.65 2.06 -20.34
O3A ATP K . -19.02 2.70 -19.61
O5' ATP K . -17.26 3.24 -18.14
C5' ATP K . -17.15 4.53 -17.53
C4' ATP K . -16.04 4.52 -16.48
O4' ATP K . -15.89 3.24 -15.83
C3' ATP K . -14.67 4.72 -17.13
O3' ATP K . -13.81 5.31 -16.16
C2' ATP K . -14.23 3.29 -17.41
O2' ATP K . -12.84 3.13 -17.60
C1' ATP K . -14.55 2.73 -16.07
N9 ATP K . -14.56 1.25 -16.04
C8 ATP K . -15.23 0.46 -16.90
N7 ATP K . -15.10 -0.84 -16.55
C5 ATP K . -14.35 -0.85 -15.45
C6 ATP K . -13.86 -1.90 -14.59
N6 ATP K . -14.19 -3.19 -14.85
N1 ATP K . -13.13 -1.51 -13.55
C2 ATP K . -12.86 -0.23 -13.31
N3 ATP K . -13.27 0.78 -14.04
C4 ATP K . -14.00 0.52 -15.11
MG MG L . -19.30 5.43 -24.32
PG ATP M . -27.29 8.38 -15.17
O1G ATP M . -28.48 9.20 -14.55
O2G ATP M . -26.10 9.17 -15.67
O3G ATP M . -27.60 7.23 -16.16
PB ATP M . -26.47 8.65 -12.66
O1B ATP M . -27.81 8.30 -12.03
O2B ATP M . -26.06 10.06 -13.08
O3B ATP M . -26.48 7.71 -13.94
PA ATP M . -26.15 7.03 -10.60
O1A ATP M . -27.20 6.21 -11.41
O2A ATP M . -26.49 7.87 -9.37
O3A ATP M . -25.49 8.13 -11.54
O5' ATP M . -24.88 6.04 -10.39
C5' ATP M . -24.65 4.78 -11.07
C4' ATP M . -24.44 3.80 -9.92
O4' ATP M . -23.46 4.42 -9.09
C3' ATP M . -25.68 3.63 -9.03
O3' ATP M . -25.88 2.30 -8.49
C2' ATP M . -25.46 4.53 -7.83
O2' ATP M . -26.09 3.94 -6.69
C1' ATP M . -23.93 4.54 -7.74
N9 ATP M . -23.40 5.72 -6.96
C8 ATP M . -23.70 7.00 -7.18
N7 ATP M . -23.03 7.81 -6.32
C5 ATP M . -22.31 7.03 -5.54
C6 ATP M . -21.41 7.29 -4.43
N6 ATP M . -21.17 8.55 -3.99
N1 ATP M . -20.86 6.20 -3.88
C2 ATP M . -21.10 4.96 -4.31
N3 ATP M . -21.91 4.66 -5.32
C4 ATP M . -22.54 5.65 -5.95
MG MG N . -30.47 9.00 -14.18
#